data_4E1G
#
_entry.id   4E1G
#
_cell.length_a   120.378
_cell.length_b   132.131
_cell.length_c   180.438
_cell.angle_alpha   90.00
_cell.angle_beta   90.00
_cell.angle_gamma   90.00
#
_symmetry.space_group_name_H-M   'I 2 2 2'
#
loop_
_entity.id
_entity.type
_entity.pdbx_description
1 polymer 'Prostaglandin G/H synthase 2'
2 branched 2-acetamido-2-deoxy-beta-D-glucopyranose-(1-4)-2-acetamido-2-deoxy-beta-D-glucopyranose
3 branched alpha-D-mannopyranose-(1-4)-2-acetamido-2-deoxy-beta-D-glucopyranose-(1-4)-2-acetamido-2-deoxy-beta-D-glucopyranose
4 non-polymer 'ALPHA-LINOLENIC ACID'
5 non-polymer 'PROTOPORPHYRIN IX CONTAINING CO'
6 non-polymer 2-acetamido-2-deoxy-beta-D-glucopyranose
7 non-polymer 'octyl beta-D-glucopyranoside'
8 non-polymer 1,2-ETHANEDIOL
9 non-polymer 'ACRYLIC ACID'
10 water water
#
_entity_poly.entity_id   1
_entity_poly.type   'polypeptide(L)'
_entity_poly.pdbx_seq_one_letter_code
;MLFRAVLLCAALGLSQAANHHHHHHPCCSNPCQNRGECMSTGFDQYKCDCTRTGFYGENCTTPEFLTRIKLLLKPTPNTV
HYILTHFKGVWNIVNNIPFLRSLIMKYVLTSRSYLIDSPPTYNVHYGYKSWEAFSNLSYYTRALPPVADDCPTPMGVKGN
KELPDSKEVLEKVLLRREFIPDPQGSNMMFAFFAQHFTHQFFKTDHKRGPGFTRGLGHGVDLNHIYGETLDRQHKLRLFK
DGKLKYQVIGGEVYPPTVKDTQVEMIYPPHIPENLQFAVGQEVFGLVPGLMMYATIWLREHNRVCDILKQEHPEWGDEQL
FQTSRLILIGETIKIVIEDYVQHLSGYHFKLKFDPELLFNQQFQYQNRIASEFNTLYHWHPLLPDTFNIEDQEYSFKQFL
YNNSILLEHGLTQFVESFTRQIAGRVAGGRNVPIAVQAVAKASIDQSREMKYQSLNEYRKRFSLKPYTSFEELTGEKEMA
AELKALYSDIDVMELYPALLVEKPRPDAIFGETMVELGAPFSLKGLMGNPICSPQYWKPSTFGGEVGFKIINTASIQSLI
CNNVKGCPFTSFNVQDPQPTKTATIAASASHSRLDDINPTVLIKRRSTEL
;
_entity_poly.pdbx_strand_id   A,B
#
# COMPACT_ATOMS: atom_id res chain seq x y z
N HIS A 24 -25.85 -25.79 5.05
CA HIS A 24 -24.82 -24.85 5.67
C HIS A 24 -23.32 -25.00 5.28
N HIS A 25 -22.58 -23.89 5.28
CA HIS A 25 -21.16 -23.88 4.92
C HIS A 25 -20.33 -24.93 5.70
N PRO A 26 -19.61 -25.82 4.98
CA PRO A 26 -18.90 -26.90 5.68
C PRO A 26 -17.72 -26.39 6.52
N CYS A 27 -17.31 -25.13 6.35
CA CYS A 27 -16.30 -24.58 7.24
C CYS A 27 -16.89 -23.98 8.51
N CYS A 28 -18.21 -24.10 8.72
CA CYS A 28 -18.85 -23.45 9.91
C CYS A 28 -18.19 -23.80 11.25
N SER A 29 -17.77 -25.04 11.45
CA SER A 29 -17.13 -25.41 12.70
C SER A 29 -15.69 -24.94 12.87
N ASN A 30 -15.14 -24.18 11.91
CA ASN A 30 -13.73 -23.73 11.98
C ASN A 30 -12.75 -24.94 12.15
N PRO A 31 -12.84 -25.93 11.22
CA PRO A 31 -12.12 -27.20 11.43
C PRO A 31 -10.59 -27.05 11.30
N CYS A 32 -10.07 -26.07 10.52
CA CYS A 32 -8.62 -25.95 10.22
C CYS A 32 -7.87 -25.20 11.26
N GLN A 33 -6.82 -25.80 11.80
CA GLN A 33 -6.13 -25.22 12.97
C GLN A 33 -4.84 -24.59 12.54
N ASN A 34 -4.18 -23.88 13.45
CA ASN A 34 -2.80 -23.43 13.23
C ASN A 34 -2.61 -22.55 12.01
N ARG A 35 -3.66 -21.77 11.72
CA ARG A 35 -3.70 -20.77 10.58
C ARG A 35 -3.81 -21.46 9.22
N GLY A 36 -4.10 -22.78 9.23
CA GLY A 36 -4.63 -23.46 8.03
C GLY A 36 -5.87 -22.76 7.47
N GLU A 37 -6.13 -22.82 6.15
CA GLU A 37 -7.27 -22.05 5.56
C GLU A 37 -8.34 -23.01 5.09
N CYS A 38 -9.60 -22.72 5.41
CA CYS A 38 -10.67 -23.66 5.15
C CYS A 38 -11.38 -23.32 3.88
N MET A 39 -11.69 -24.31 3.05
CA MET A 39 -12.35 -24.01 1.74
C MET A 39 -13.40 -25.08 1.55
N SER A 40 -14.56 -24.78 0.98
CA SER A 40 -15.57 -25.89 0.82
C SER A 40 -15.15 -26.67 -0.43
N THR A 41 -15.39 -27.99 -0.49
CA THR A 41 -15.03 -28.69 -1.72
C THR A 41 -16.22 -29.42 -2.28
N GLY A 42 -17.41 -29.09 -1.84
CA GLY A 42 -18.70 -29.61 -2.33
C GLY A 42 -19.62 -29.09 -1.26
N PHE A 43 -20.89 -29.48 -1.30
CA PHE A 43 -21.89 -29.00 -0.34
C PHE A 43 -21.64 -29.40 1.09
N ASP A 44 -21.06 -30.56 1.30
CA ASP A 44 -20.95 -30.96 2.69
C ASP A 44 -19.52 -31.36 3.05
N GLN A 45 -18.53 -30.84 2.34
CA GLN A 45 -17.12 -31.28 2.52
C GLN A 45 -16.16 -30.06 2.51
N TYR A 46 -15.06 -30.17 3.22
CA TYR A 46 -14.08 -29.07 3.20
C TYR A 46 -12.66 -29.64 3.00
N LYS A 47 -11.74 -28.75 2.64
CA LYS A 47 -10.34 -29.05 2.60
C LYS A 47 -9.63 -27.96 3.40
N CYS A 48 -8.61 -28.32 4.15
CA CYS A 48 -7.80 -27.35 4.82
C CYS A 48 -6.53 -27.16 4.01
N ASP A 49 -6.11 -25.92 3.89
CA ASP A 49 -4.85 -25.62 3.21
C ASP A 49 -3.77 -25.31 4.29
N CYS A 50 -2.83 -26.23 4.45
CA CYS A 50 -1.85 -26.15 5.55
C CYS A 50 -0.51 -25.49 5.14
N THR A 51 -0.45 -25.02 3.90
CA THR A 51 0.70 -24.30 3.37
C THR A 51 1.41 -23.35 4.37
N ARG A 52 2.69 -23.65 4.60
CA ARG A 52 3.56 -22.80 5.47
C ARG A 52 3.06 -22.69 6.92
N THR A 53 2.12 -23.53 7.35
CA THR A 53 1.68 -23.46 8.74
C THR A 53 2.67 -24.16 9.68
N GLY A 54 3.52 -25.02 9.13
CA GLY A 54 4.31 -25.93 9.94
C GLY A 54 3.57 -27.17 10.43
N PHE A 55 2.31 -27.34 10.01
CA PHE A 55 1.51 -28.50 10.32
C PHE A 55 1.01 -29.11 9.03
N TYR A 56 0.60 -30.36 9.13
CA TYR A 56 -0.14 -31.00 8.05
C TYR A 56 -1.24 -31.92 8.58
N GLY A 57 -1.85 -32.72 7.69
CA GLY A 57 -2.96 -33.58 8.08
C GLY A 57 -4.25 -32.90 7.75
N GLU A 58 -5.36 -33.61 7.92
CA GLU A 58 -6.63 -33.09 7.43
C GLU A 58 -6.97 -31.68 7.94
N ASN A 59 -6.71 -31.40 9.22
CA ASN A 59 -7.06 -30.15 9.87
C ASN A 59 -5.85 -29.32 10.25
N CYS A 60 -4.67 -29.64 9.69
CA CYS A 60 -3.41 -28.96 10.02
C CYS A 60 -3.08 -29.10 11.50
N THR A 61 -3.19 -30.31 12.04
CA THR A 61 -2.92 -30.58 13.48
C THR A 61 -1.72 -31.49 13.71
N THR A 62 -1.20 -32.12 12.66
CA THR A 62 0.05 -32.88 12.84
C THR A 62 1.26 -32.00 12.62
N PRO A 63 2.02 -31.74 13.68
CA PRO A 63 3.23 -30.86 13.60
C PRO A 63 4.36 -31.51 12.80
N GLU A 64 5.14 -30.70 12.08
CA GLU A 64 6.35 -31.20 11.48
C GLU A 64 7.34 -31.36 12.60
N PHE A 65 8.43 -32.08 12.36
CA PHE A 65 9.49 -32.22 13.35
C PHE A 65 10.00 -30.89 13.94
N LEU A 66 10.45 -29.94 13.12
CA LEU A 66 10.92 -28.66 13.65
C LEU A 66 9.85 -27.96 14.46
N THR A 67 8.60 -28.01 13.99
CA THR A 67 7.47 -27.47 14.71
C THR A 67 7.29 -28.13 16.05
N ARG A 68 7.39 -29.46 16.12
CA ARG A 68 7.36 -30.22 17.39
C ARG A 68 8.42 -29.66 18.36
N ILE A 69 9.61 -29.38 17.83
CA ILE A 69 10.72 -28.85 18.62
C ILE A 69 10.48 -27.43 19.07
N LYS A 70 10.05 -26.58 18.14
CA LYS A 70 9.81 -25.17 18.41
C LYS A 70 8.65 -25.01 19.38
N LEU A 71 7.71 -25.96 19.40
CA LEU A 71 6.63 -25.87 20.38
C LEU A 71 7.08 -26.35 21.78
N LEU A 72 8.04 -27.28 21.85
CA LEU A 72 8.51 -27.76 23.15
C LEU A 72 9.31 -26.64 23.85
N LEU A 73 10.09 -25.90 23.07
CA LEU A 73 10.88 -24.77 23.52
C LEU A 73 10.16 -23.41 23.73
N LYS A 74 9.06 -23.09 23.06
CA LYS A 74 8.41 -21.75 23.21
C LYS A 74 7.85 -21.45 24.62
N PRO A 75 8.38 -20.43 25.34
CA PRO A 75 7.74 -20.02 26.62
C PRO A 75 6.33 -19.42 26.38
N THR A 76 5.39 -19.63 27.31
CA THR A 76 4.03 -19.03 27.20
C THR A 76 4.03 -17.48 27.31
N PRO A 77 2.96 -16.83 26.83
CA PRO A 77 3.06 -15.37 27.00
C PRO A 77 3.19 -14.94 28.46
N ASN A 78 2.54 -15.69 29.38
CA ASN A 78 2.55 -15.28 30.77
C ASN A 78 3.92 -15.48 31.39
N THR A 79 4.68 -16.49 30.95
CA THR A 79 6.09 -16.58 31.36
C THR A 79 6.94 -15.41 30.86
N VAL A 80 6.82 -15.09 29.59
CA VAL A 80 7.58 -14.00 29.05
C VAL A 80 7.18 -12.65 29.75
N HIS A 81 5.88 -12.42 29.98
CA HIS A 81 5.40 -11.23 30.72
C HIS A 81 6.02 -11.13 32.13
N TYR A 82 6.12 -12.29 32.80
CA TYR A 82 6.73 -12.37 34.12
C TYR A 82 8.22 -11.95 34.11
N ILE A 83 8.96 -12.49 33.15
CA ILE A 83 10.37 -12.18 32.99
C ILE A 83 10.58 -10.66 32.68
N LEU A 84 9.71 -10.11 31.84
CA LEU A 84 9.76 -8.68 31.50
C LEU A 84 9.38 -7.77 32.65
N THR A 85 8.72 -8.31 33.67
CA THR A 85 8.24 -7.50 34.78
C THR A 85 8.91 -7.84 36.09
N HIS A 86 9.99 -8.64 36.02
CA HIS A 86 10.79 -8.96 37.19
C HIS A 86 12.25 -8.74 36.82
N PHE A 87 13.16 -9.03 37.75
CA PHE A 87 14.60 -8.88 37.54
C PHE A 87 14.98 -7.45 37.09
N LYS A 88 14.48 -6.42 37.80
CA LYS A 88 14.69 -5.00 37.44
C LYS A 88 16.20 -4.77 37.31
N GLY A 89 16.91 -5.41 38.22
CA GLY A 89 18.37 -5.42 38.23
C GLY A 89 19.04 -5.77 36.92
N VAL A 90 18.72 -6.93 36.35
CA VAL A 90 19.25 -7.34 35.04
C VAL A 90 18.80 -6.34 33.95
N TRP A 91 17.53 -5.90 34.00
CA TRP A 91 16.96 -5.09 32.90
C TRP A 91 17.66 -3.75 32.85
N ASN A 92 17.99 -3.22 34.03
CA ASN A 92 18.86 -2.05 34.16
C ASN A 92 20.16 -2.15 33.42
N ILE A 93 20.84 -3.28 33.56
CA ILE A 93 22.03 -3.55 32.75
C ILE A 93 21.67 -3.57 31.26
N VAL A 94 20.73 -4.44 30.86
CA VAL A 94 20.34 -4.54 29.46
C VAL A 94 19.94 -3.19 28.88
N ASN A 95 19.16 -2.39 29.59
CA ASN A 95 18.78 -1.09 29.04
C ASN A 95 19.96 -0.19 28.61
N ASN A 96 21.10 -0.30 29.31
CA ASN A 96 22.29 0.48 29.01
C ASN A 96 23.37 -0.21 28.17
N ILE A 97 23.06 -1.37 27.61
CA ILE A 97 23.98 -1.99 26.65
C ILE A 97 23.26 -1.85 25.27
N PRO A 98 23.56 -0.76 24.55
CA PRO A 98 22.80 -0.41 23.34
C PRO A 98 22.66 -1.59 22.41
N PHE A 99 23.72 -2.38 22.22
CA PHE A 99 23.64 -3.56 21.36
C PHE A 99 22.60 -4.59 21.84
N LEU A 100 22.51 -4.82 23.15
CA LEU A 100 21.56 -5.79 23.71
C LEU A 100 20.10 -5.28 23.60
N ARG A 101 19.89 -4.05 24.09
CA ARG A 101 18.61 -3.34 23.96
C ARG A 101 18.11 -3.46 22.53
N SER A 102 18.96 -3.16 21.54
CA SER A 102 18.52 -3.20 20.13
C SER A 102 18.19 -4.63 19.68
N LEU A 103 18.99 -5.58 20.16
CA LEU A 103 18.75 -6.99 19.80
C LEU A 103 17.38 -7.45 20.34
N ILE A 104 17.10 -7.10 21.60
CA ILE A 104 15.81 -7.41 22.23
C ILE A 104 14.64 -6.65 21.58
N MET A 105 14.77 -5.34 21.38
CA MET A 105 13.71 -4.59 20.69
C MET A 105 13.49 -5.16 19.29
N LYS A 106 14.59 -5.57 18.61
CA LYS A 106 14.45 -6.20 17.25
C LYS A 106 13.53 -7.45 17.26
N TYR A 107 13.70 -8.28 18.29
CA TYR A 107 12.96 -9.50 18.40
C TYR A 107 11.50 -9.20 18.69
N VAL A 108 11.26 -8.25 19.61
CA VAL A 108 9.89 -7.74 19.86
C VAL A 108 9.18 -7.33 18.59
N LEU A 109 9.81 -6.48 17.78
CA LEU A 109 9.16 -6.00 16.56
C LEU A 109 8.81 -7.15 15.60
N THR A 110 9.76 -8.07 15.44
CA THR A 110 9.66 -9.05 14.34
C THR A 110 8.67 -10.15 14.74
N SER A 111 8.86 -10.74 15.93
CA SER A 111 7.88 -11.73 16.41
C SER A 111 6.41 -11.22 16.52
N ARG A 112 6.17 -10.02 17.03
CA ARG A 112 4.79 -9.50 17.01
C ARG A 112 4.22 -9.29 15.57
N SER A 113 4.99 -8.69 14.67
CA SER A 113 4.48 -8.32 13.31
C SER A 113 4.07 -9.55 12.48
N TYR A 114 4.86 -10.63 12.56
CA TYR A 114 4.57 -11.93 11.92
C TYR A 114 3.13 -12.49 12.08
N LEU A 115 2.44 -12.08 13.13
CA LEU A 115 1.03 -12.48 13.33
C LEU A 115 -0.02 -11.81 12.46
N ILE A 116 0.36 -10.74 11.76
CA ILE A 116 -0.60 -9.92 11.06
C ILE A 116 -0.46 -10.29 9.57
N ASP A 117 -1.55 -10.59 8.88
CA ASP A 117 -1.47 -10.74 7.44
C ASP A 117 -1.16 -9.40 6.77
N SER A 118 -0.16 -9.35 5.88
CA SER A 118 0.21 -8.07 5.26
C SER A 118 0.98 -8.37 3.98
N PRO A 119 0.42 -8.09 2.79
CA PRO A 119 -0.88 -7.54 2.47
C PRO A 119 -2.07 -8.23 3.15
N PRO A 120 -3.12 -7.43 3.40
CA PRO A 120 -4.23 -7.86 4.19
C PRO A 120 -5.13 -8.77 3.35
N THR A 121 -6.05 -9.45 4.04
CA THR A 121 -6.85 -10.54 3.46
C THR A 121 -8.37 -10.27 3.66
N TYR A 122 -8.99 -10.84 4.70
CA TYR A 122 -10.43 -10.87 4.83
C TYR A 122 -11.04 -9.50 5.23
N ASN A 123 -12.35 -9.37 5.09
CA ASN A 123 -13.07 -8.22 5.68
C ASN A 123 -14.51 -8.71 5.99
N VAL A 124 -15.41 -7.84 6.48
CA VAL A 124 -16.70 -8.32 6.87
C VAL A 124 -17.49 -9.00 5.72
N HIS A 125 -17.23 -8.67 4.44
CA HIS A 125 -18.04 -9.27 3.35
C HIS A 125 -17.27 -10.37 2.68
N TYR A 126 -16.00 -10.59 3.00
CA TYR A 126 -15.21 -11.59 2.26
C TYR A 126 -14.51 -12.48 3.26
N GLY A 127 -15.00 -13.73 3.37
CA GLY A 127 -14.31 -14.75 4.17
C GLY A 127 -13.38 -15.62 3.33
N TYR A 128 -13.09 -15.20 2.10
CA TYR A 128 -12.01 -15.78 1.30
C TYR A 128 -11.32 -14.58 0.70
N LYS A 129 -10.07 -14.77 0.24
CA LYS A 129 -9.31 -13.69 -0.38
C LYS A 129 -9.93 -13.28 -1.69
N SER A 130 -9.97 -11.97 -1.93
CA SER A 130 -10.50 -11.43 -3.20
C SER A 130 -9.84 -10.09 -3.49
N TRP A 131 -9.80 -9.74 -4.77
CA TRP A 131 -9.35 -8.39 -5.16
C TRP A 131 -10.15 -7.27 -4.49
N GLU A 132 -11.46 -7.47 -4.37
CA GLU A 132 -12.30 -6.45 -3.72
C GLU A 132 -11.83 -6.21 -2.24
N ALA A 133 -11.51 -7.28 -1.51
CA ALA A 133 -11.14 -7.12 -0.11
C ALA A 133 -9.73 -6.50 -0.03
N PHE A 134 -8.83 -6.95 -0.91
CA PHE A 134 -7.51 -6.26 -1.04
C PHE A 134 -7.60 -4.76 -1.39
N SER A 135 -8.42 -4.41 -2.37
CA SER A 135 -8.25 -3.13 -2.99
C SER A 135 -9.19 -2.08 -2.39
N ASN A 136 -10.23 -2.49 -1.68
CA ASN A 136 -11.21 -1.45 -1.26
C ASN A 136 -10.85 -0.92 0.16
N LEU A 137 -10.34 0.31 0.24
CA LEU A 137 -9.74 0.88 1.46
C LEU A 137 -10.85 1.33 2.44
N SER A 138 -12.11 1.34 1.97
CA SER A 138 -13.21 1.71 2.86
C SER A 138 -13.53 0.65 3.89
N TYR A 139 -13.06 -0.58 3.69
CA TYR A 139 -13.31 -1.62 4.73
C TYR A 139 -12.18 -1.66 5.79
N TYR A 140 -12.54 -1.91 7.06
CA TYR A 140 -11.56 -2.41 7.97
C TYR A 140 -11.22 -3.83 7.52
N THR A 141 -10.01 -4.28 7.76
CA THR A 141 -9.67 -5.65 7.36
C THR A 141 -10.06 -6.56 8.54
N ARG A 142 -9.91 -7.89 8.36
CA ARG A 142 -10.30 -8.80 9.44
C ARG A 142 -9.17 -9.79 9.69
N ALA A 143 -8.76 -9.89 10.95
CA ALA A 143 -7.82 -10.94 11.31
C ALA A 143 -8.43 -12.33 11.25
N LEU A 144 -9.74 -12.48 11.51
CA LEU A 144 -10.37 -13.78 11.22
C LEU A 144 -11.56 -13.52 10.26
N PRO A 145 -11.80 -14.44 9.32
CA PRO A 145 -12.97 -14.33 8.45
C PRO A 145 -14.28 -14.30 9.29
N PRO A 146 -15.33 -13.62 8.78
CA PRO A 146 -16.62 -13.70 9.47
C PRO A 146 -17.19 -15.12 9.47
N VAL A 147 -17.97 -15.46 10.51
CA VAL A 147 -18.78 -16.72 10.48
C VAL A 147 -19.71 -16.65 9.26
N ALA A 148 -19.79 -17.72 8.43
CA ALA A 148 -20.65 -17.70 7.21
C ALA A 148 -22.12 -17.42 7.52
N ASP A 149 -22.82 -16.76 6.59
CA ASP A 149 -24.19 -16.31 6.88
C ASP A 149 -25.13 -17.45 7.18
N ASP A 150 -24.85 -18.65 6.67
CA ASP A 150 -25.81 -19.74 6.89
C ASP A 150 -25.41 -20.71 8.03
N CYS A 151 -24.39 -20.42 8.84
CA CYS A 151 -24.04 -21.39 9.91
C CYS A 151 -25.24 -21.64 10.85
N PRO A 152 -25.36 -22.85 11.45
CA PRO A 152 -26.48 -23.10 12.33
C PRO A 152 -26.48 -22.30 13.63
N THR A 153 -25.34 -21.83 14.12
CA THR A 153 -25.34 -21.02 15.32
C THR A 153 -24.50 -19.77 15.07
N PRO A 154 -24.66 -18.77 15.96
CA PRO A 154 -23.96 -17.51 15.76
C PRO A 154 -22.46 -17.70 15.60
N MET A 155 -21.86 -18.59 16.39
CA MET A 155 -20.44 -18.86 16.33
C MET A 155 -20.03 -20.00 15.39
N GLY A 156 -20.94 -20.61 14.66
CA GLY A 156 -20.53 -21.71 13.77
C GLY A 156 -21.49 -22.86 13.95
N VAL A 157 -21.12 -23.80 14.82
CA VAL A 157 -21.92 -24.97 15.12
C VAL A 157 -22.11 -25.12 16.64
N LYS A 158 -21.18 -24.62 17.48
CA LYS A 158 -21.35 -24.69 18.96
C LYS A 158 -22.33 -23.70 19.57
N GLY A 159 -22.74 -23.95 20.82
CA GLY A 159 -23.60 -22.98 21.56
C GLY A 159 -25.09 -23.06 21.22
N ASN A 160 -25.89 -22.19 21.82
CA ASN A 160 -27.29 -22.12 21.49
C ASN A 160 -27.54 -21.40 20.16
N LYS A 161 -28.77 -21.57 19.65
CA LYS A 161 -29.24 -20.87 18.44
C LYS A 161 -29.12 -19.35 18.53
N GLU A 162 -29.29 -18.79 19.72
CA GLU A 162 -29.11 -17.34 19.91
C GLU A 162 -28.07 -17.15 20.99
N LEU A 163 -27.22 -16.12 20.81
CA LEU A 163 -26.35 -15.64 21.87
C LEU A 163 -27.23 -14.94 22.93
N PRO A 164 -26.73 -14.83 24.19
CA PRO A 164 -27.47 -14.13 25.26
C PRO A 164 -27.70 -12.66 24.92
N ASP A 165 -28.80 -12.12 25.45
CA ASP A 165 -29.15 -10.73 25.25
C ASP A 165 -27.94 -9.85 25.61
N SER A 166 -27.51 -8.97 24.71
CA SER A 166 -26.32 -8.16 24.98
C SER A 166 -26.56 -7.24 26.21
N LYS A 167 -27.81 -6.80 26.48
CA LYS A 167 -28.02 -5.90 27.62
C LYS A 167 -27.77 -6.67 28.92
N GLU A 168 -28.15 -7.92 28.91
CA GLU A 168 -27.91 -8.78 30.07
C GLU A 168 -26.42 -9.00 30.31
N VAL A 169 -25.65 -9.22 29.26
CA VAL A 169 -24.19 -9.42 29.48
C VAL A 169 -23.67 -8.10 29.99
N LEU A 170 -24.03 -7.01 29.29
CA LEU A 170 -23.61 -5.69 29.69
C LEU A 170 -23.87 -5.47 31.21
N GLU A 171 -25.13 -5.63 31.63
CA GLU A 171 -25.51 -5.39 33.03
C GLU A 171 -24.91 -6.37 34.04
N LYS A 172 -24.84 -7.65 33.72
CA LYS A 172 -24.27 -8.54 34.74
C LYS A 172 -22.74 -8.51 34.93
N VAL A 173 -21.98 -8.26 33.89
CA VAL A 173 -20.53 -8.44 33.99
C VAL A 173 -19.72 -7.22 33.50
N LEU A 174 -20.37 -6.26 32.82
CA LEU A 174 -19.65 -5.09 32.32
C LEU A 174 -19.87 -3.80 33.11
N LEU A 175 -21.07 -3.54 33.60
CA LEU A 175 -21.33 -2.20 34.14
C LEU A 175 -20.60 -1.97 35.48
N ARG A 176 -20.08 -0.75 35.64
CA ARG A 176 -19.38 -0.35 36.88
C ARG A 176 -20.32 -0.38 38.05
N ARG A 177 -19.94 -1.09 39.11
CA ARG A 177 -20.68 -0.90 40.39
C ARG A 177 -20.00 0.24 41.12
N GLU A 178 -18.75 0.06 41.55
CA GLU A 178 -17.95 1.19 41.97
C GLU A 178 -16.66 1.21 41.21
N PHE A 179 -16.10 2.40 41.17
CA PHE A 179 -15.02 2.71 40.29
C PHE A 179 -13.86 1.87 40.71
N ILE A 180 -13.35 1.06 39.78
CA ILE A 180 -12.11 0.30 40.06
C ILE A 180 -10.90 1.07 39.46
N PRO A 181 -10.00 1.56 40.30
CA PRO A 181 -8.83 2.23 39.77
C PRO A 181 -7.87 1.28 39.05
N ASP A 182 -7.26 1.78 37.98
CA ASP A 182 -6.12 1.09 37.35
C ASP A 182 -4.94 0.88 38.34
N PRO A 183 -4.60 -0.39 38.67
CA PRO A 183 -3.47 -0.56 39.63
C PRO A 183 -2.10 -0.20 38.98
N GLN A 184 -2.01 -0.14 37.64
CA GLN A 184 -0.77 0.24 37.00
C GLN A 184 -0.70 1.76 36.99
N GLY A 185 -1.71 2.46 37.49
CA GLY A 185 -1.53 3.92 37.74
C GLY A 185 -1.75 4.83 36.51
N SER A 186 -2.42 4.32 35.48
CA SER A 186 -2.66 5.16 34.31
C SER A 186 -3.53 6.35 34.71
N ASN A 187 -3.29 7.48 34.10
CA ASN A 187 -3.99 8.70 34.46
C ASN A 187 -4.84 9.21 33.31
N MET A 188 -5.48 10.38 33.49
CA MET A 188 -6.33 10.91 32.45
C MET A 188 -5.55 11.51 31.28
N MET A 189 -4.29 11.93 31.50
CA MET A 189 -3.40 12.28 30.35
C MET A 189 -3.27 11.07 29.44
N PHE A 190 -3.08 9.90 30.05
CA PHE A 190 -3.02 8.65 29.31
C PHE A 190 -4.32 8.30 28.60
N ALA A 191 -5.44 8.45 29.32
CA ALA A 191 -6.71 8.05 28.78
C ALA A 191 -7.12 8.92 27.58
N PHE A 192 -6.96 10.23 27.70
CA PHE A 192 -7.26 11.11 26.61
C PHE A 192 -6.25 11.01 25.49
N PHE A 193 -5.01 10.69 25.81
CA PHE A 193 -4.03 10.46 24.73
C PHE A 193 -4.42 9.21 23.93
N ALA A 194 -4.87 8.14 24.59
CA ALA A 194 -5.29 6.92 23.86
C ALA A 194 -6.45 7.24 22.94
N GLN A 195 -7.41 7.99 23.47
CA GLN A 195 -8.61 8.31 22.67
C GLN A 195 -8.24 9.23 21.47
N HIS A 196 -7.42 10.27 21.71
CA HIS A 196 -7.04 11.23 20.64
C HIS A 196 -6.21 10.51 19.53
N PHE A 197 -5.20 9.76 19.94
CA PHE A 197 -4.28 9.03 19.08
C PHE A 197 -5.04 7.99 18.23
N THR A 198 -5.92 7.17 18.84
CA THR A 198 -6.51 6.01 18.10
C THR A 198 -7.62 6.49 17.24
N HIS A 199 -8.22 7.65 17.55
CA HIS A 199 -9.25 8.16 16.68
C HIS A 199 -8.83 8.77 15.34
N GLN A 200 -7.52 8.82 15.04
CA GLN A 200 -7.06 9.05 13.65
C GLN A 200 -7.26 7.81 12.82
N PHE A 201 -7.25 6.63 13.43
CA PHE A 201 -7.41 5.41 12.59
C PHE A 201 -8.60 4.46 12.83
N PHE A 202 -9.38 4.72 13.88
CA PHE A 202 -10.65 4.11 14.10
C PHE A 202 -11.66 5.22 13.86
N LYS A 203 -12.32 5.24 12.69
CA LYS A 203 -13.28 6.32 12.31
C LYS A 203 -14.35 5.60 11.50
N THR A 204 -15.23 4.92 12.21
CA THR A 204 -16.21 4.06 11.59
C THR A 204 -17.15 4.86 10.73
N ASP A 205 -17.33 4.40 9.50
CA ASP A 205 -18.26 5.04 8.62
C ASP A 205 -19.68 4.51 8.88
N HIS A 206 -20.35 5.13 9.84
CA HIS A 206 -21.70 4.74 10.24
C HIS A 206 -22.72 4.84 9.11
N LYS A 207 -22.52 5.69 8.12
CA LYS A 207 -23.31 5.59 6.88
C LYS A 207 -23.27 4.15 6.29
N ARG A 208 -22.09 3.54 6.24
CA ARG A 208 -21.96 2.27 5.54
C ARG A 208 -22.08 1.07 6.47
N GLY A 209 -21.64 1.18 7.70
CA GLY A 209 -21.76 0.04 8.60
C GLY A 209 -20.52 -0.05 9.46
N PRO A 210 -20.56 -0.89 10.51
CA PRO A 210 -19.47 -0.95 11.47
C PRO A 210 -18.21 -1.59 10.87
N GLY A 211 -18.35 -2.27 9.72
CA GLY A 211 -17.17 -2.95 9.12
C GLY A 211 -16.44 -1.98 8.14
N PHE A 212 -16.86 -0.70 8.12
CA PHE A 212 -16.29 0.29 7.20
C PHE A 212 -15.63 1.44 7.96
N THR A 213 -14.57 2.02 7.39
CA THR A 213 -13.85 3.11 8.03
C THR A 213 -13.76 4.31 7.10
N ARG A 214 -13.70 5.53 7.68
CA ARG A 214 -13.45 6.74 6.91
C ARG A 214 -11.94 7.08 6.93
N GLY A 215 -11.13 6.31 7.63
CA GLY A 215 -9.70 6.60 7.77
C GLY A 215 -8.99 5.84 6.68
N LEU A 216 -9.01 6.36 5.45
CA LEU A 216 -8.41 5.64 4.31
C LEU A 216 -6.91 5.54 4.33
N GLY A 217 -6.22 6.29 5.22
CA GLY A 217 -4.81 6.13 5.31
C GLY A 217 -4.47 4.94 6.18
N HIS A 218 -5.44 4.35 6.86
CA HIS A 218 -5.13 3.12 7.61
C HIS A 218 -3.90 3.18 8.54
N GLY A 219 -3.76 4.27 9.28
CA GLY A 219 -2.73 4.32 10.24
C GLY A 219 -2.41 5.72 10.73
N VAL A 220 -1.14 5.88 11.03
CA VAL A 220 -0.69 7.07 11.72
C VAL A 220 -0.32 8.15 10.64
N ASP A 221 -1.34 8.80 10.08
CA ASP A 221 -1.04 9.86 9.11
C ASP A 221 -1.35 11.27 9.68
N LEU A 222 -1.85 11.30 10.92
CA LEU A 222 -2.27 12.54 11.60
C LEU A 222 -3.36 13.27 10.88
N ASN A 223 -4.27 12.55 10.26
CA ASN A 223 -5.47 13.18 9.70
C ASN A 223 -6.36 13.82 10.81
N HIS A 224 -6.22 13.39 12.07
CA HIS A 224 -7.01 13.98 13.17
C HIS A 224 -6.51 15.40 13.51
N ILE A 225 -5.39 15.80 12.90
CA ILE A 225 -4.87 17.14 13.05
C ILE A 225 -5.09 17.87 11.73
N TYR A 226 -4.67 17.20 10.65
CA TYR A 226 -4.62 17.85 9.38
C TYR A 226 -5.82 17.71 8.49
N GLY A 227 -6.76 16.82 8.82
CA GLY A 227 -7.93 16.60 7.94
C GLY A 227 -7.70 15.35 7.08
N GLU A 228 -8.79 14.61 6.84
CA GLU A 228 -8.70 13.36 6.05
C GLU A 228 -8.56 13.75 4.56
N THR A 229 -9.22 14.83 4.13
CA THR A 229 -9.15 15.25 2.72
C THR A 229 -8.36 16.51 2.51
N LEU A 230 -7.86 16.63 1.28
CA LEU A 230 -7.13 17.75 0.88
C LEU A 230 -7.98 19.06 1.05
N ASP A 231 -9.25 18.99 0.70
CA ASP A 231 -10.10 20.19 0.83
C ASP A 231 -10.19 20.63 2.30
N ARG A 232 -10.34 19.66 3.21
CA ARG A 232 -10.40 19.96 4.62
C ARG A 232 -9.03 20.49 5.14
N GLN A 233 -7.94 19.85 4.73
CA GLN A 233 -6.60 20.32 5.11
C GLN A 233 -6.38 21.81 4.74
N HIS A 234 -6.72 22.17 3.49
CA HIS A 234 -6.52 23.52 2.99
C HIS A 234 -7.34 24.57 3.72
N LYS A 235 -8.53 24.20 4.16
CA LYS A 235 -9.30 25.11 4.98
C LYS A 235 -8.72 25.31 6.40
N LEU A 236 -7.95 24.33 6.90
CA LEU A 236 -7.33 24.42 8.27
C LEU A 236 -6.00 25.16 8.18
N ARG A 237 -5.44 25.28 6.99
CA ARG A 237 -4.07 25.83 6.86
C ARG A 237 -4.10 27.36 6.72
N LEU A 238 -3.06 27.99 7.29
CA LEU A 238 -2.89 29.44 7.19
C LEU A 238 -2.36 29.87 5.81
N PHE A 239 -1.60 28.98 5.15
CA PHE A 239 -0.84 29.26 3.93
C PHE A 239 0.24 30.30 4.12
N LYS A 240 0.66 30.52 5.36
CA LYS A 240 1.85 31.33 5.54
C LYS A 240 2.75 30.50 6.46
N ASP A 241 4.03 30.37 6.09
CA ASP A 241 5.06 29.78 6.98
C ASP A 241 4.80 28.29 7.29
N GLY A 242 3.98 27.61 6.48
CA GLY A 242 3.69 26.18 6.72
C GLY A 242 2.57 25.95 7.75
N LYS A 243 2.02 27.02 8.33
CA LYS A 243 1.25 26.89 9.56
C LYS A 243 -0.19 26.54 9.40
N LEU A 244 -0.76 26.09 10.53
CA LEU A 244 -2.21 25.83 10.68
C LEU A 244 -2.84 27.12 11.21
N LYS A 245 -4.04 27.44 10.70
CA LYS A 245 -4.78 28.58 11.25
C LYS A 245 -5.04 28.36 12.77
N TYR A 246 -5.28 29.47 13.46
CA TYR A 246 -5.48 29.44 14.92
C TYR A 246 -6.20 30.76 15.33
N GLN A 247 -6.69 30.80 16.57
CA GLN A 247 -7.13 32.10 17.13
C GLN A 247 -6.40 32.30 18.47
N VAL A 248 -6.44 33.50 19.02
CA VAL A 248 -5.75 33.81 20.26
C VAL A 248 -6.85 34.32 21.21
N ILE A 249 -7.17 33.55 22.26
CA ILE A 249 -8.20 33.98 23.19
C ILE A 249 -7.54 34.20 24.56
N GLY A 250 -7.74 35.39 25.17
CA GLY A 250 -7.03 35.75 26.42
C GLY A 250 -5.53 35.46 26.28
N GLY A 251 -4.94 35.73 25.13
CA GLY A 251 -3.49 35.56 24.96
C GLY A 251 -3.05 34.11 24.73
N GLU A 252 -3.99 33.15 24.69
CA GLU A 252 -3.61 31.75 24.50
C GLU A 252 -3.99 31.30 23.09
N VAL A 253 -3.13 30.49 22.47
CA VAL A 253 -3.43 29.93 21.11
C VAL A 253 -4.39 28.72 21.15
N TYR A 254 -5.46 28.78 20.35
CA TYR A 254 -6.47 27.69 20.29
C TYR A 254 -6.77 27.43 18.78
N PRO A 255 -7.34 26.27 18.46
CA PRO A 255 -7.79 26.00 17.08
C PRO A 255 -8.75 27.06 16.64
N PRO A 256 -8.80 27.28 15.32
CA PRO A 256 -9.65 28.43 14.87
C PRO A 256 -11.16 27.98 14.92
N THR A 257 -12.11 28.80 14.51
CA THR A 257 -13.52 28.37 14.58
C THR A 257 -14.07 27.71 13.31
N VAL A 258 -15.23 27.12 13.43
CA VAL A 258 -15.98 26.58 12.32
C VAL A 258 -16.37 27.71 11.36
N LYS A 259 -16.91 28.80 11.88
CA LYS A 259 -17.21 29.98 11.06
C LYS A 259 -16.01 30.47 10.28
N ASP A 260 -14.88 30.64 10.92
CA ASP A 260 -13.68 31.21 10.24
C ASP A 260 -13.23 30.27 9.12
N THR A 261 -13.27 28.95 9.35
CA THR A 261 -12.57 28.05 8.46
C THR A 261 -13.56 27.43 7.45
N GLN A 262 -14.84 27.37 7.79
CA GLN A 262 -15.85 26.54 7.04
C GLN A 262 -15.53 25.03 7.03
N VAL A 263 -14.86 24.58 8.07
CA VAL A 263 -14.55 23.19 8.30
C VAL A 263 -15.75 22.66 9.16
N GLU A 264 -16.54 21.73 8.60
CA GLU A 264 -17.55 20.94 9.38
C GLU A 264 -17.03 20.17 10.64
N MET A 265 -17.68 20.41 11.77
CA MET A 265 -17.39 19.73 13.04
C MET A 265 -18.74 19.24 13.57
N ILE A 266 -18.75 18.21 14.43
CA ILE A 266 -19.97 17.82 15.13
C ILE A 266 -20.04 18.65 16.42
N TYR A 267 -21.11 19.47 16.56
CA TYR A 267 -21.43 20.25 17.76
C TYR A 267 -22.99 20.38 17.93
N PRO A 268 -23.50 20.29 19.17
CA PRO A 268 -24.92 20.70 19.36
C PRO A 268 -25.23 22.11 18.86
N PRO A 269 -26.49 22.39 18.46
CA PRO A 269 -26.84 23.76 17.97
C PRO A 269 -26.54 24.91 18.95
N HIS A 270 -26.69 24.68 20.25
CA HIS A 270 -26.39 25.71 21.28
C HIS A 270 -24.92 26.18 21.45
N ILE A 271 -23.93 25.52 20.86
CA ILE A 271 -22.55 25.86 21.25
C ILE A 271 -22.20 27.26 20.75
N PRO A 272 -21.68 28.14 21.65
CA PRO A 272 -21.20 29.48 21.18
C PRO A 272 -20.25 29.42 19.97
N GLU A 273 -20.43 30.36 19.03
CA GLU A 273 -19.64 30.38 17.81
C GLU A 273 -18.17 30.22 18.12
N ASN A 274 -17.69 30.95 19.11
CA ASN A 274 -16.26 30.89 19.33
C ASN A 274 -15.75 29.63 20.02
N LEU A 275 -16.66 28.84 20.60
CA LEU A 275 -16.23 27.55 21.17
C LEU A 275 -16.40 26.45 20.16
N GLN A 276 -16.88 26.77 18.94
CA GLN A 276 -16.90 25.74 17.90
C GLN A 276 -15.54 25.60 17.25
N PHE A 277 -14.58 25.02 18.00
CA PHE A 277 -13.24 24.82 17.49
CA PHE A 277 -13.22 24.84 17.51
C PHE A 277 -13.20 23.84 16.34
N ALA A 278 -12.47 24.20 15.28
CA ALA A 278 -12.34 23.31 14.11
C ALA A 278 -10.95 22.67 14.09
N VAL A 279 -10.91 21.33 13.99
CA VAL A 279 -9.65 20.59 13.98
C VAL A 279 -9.75 19.49 12.94
N GLY A 280 -8.66 18.77 12.71
CA GLY A 280 -8.67 17.77 11.63
C GLY A 280 -9.78 16.71 11.78
N GLN A 281 -10.04 16.27 13.00
CA GLN A 281 -11.09 15.28 13.31
C GLN A 281 -12.40 15.87 13.76
N GLU A 282 -13.50 15.59 13.01
CA GLU A 282 -14.82 16.20 13.22
C GLU A 282 -15.44 15.92 14.57
N VAL A 283 -15.04 14.85 15.25
CA VAL A 283 -15.68 14.54 16.51
C VAL A 283 -14.97 15.06 17.76
N PHE A 284 -13.82 15.71 17.62
CA PHE A 284 -13.03 16.09 18.77
C PHE A 284 -13.58 17.26 19.62
N GLY A 285 -14.54 18.04 19.14
CA GLY A 285 -15.20 19.02 20.09
C GLY A 285 -16.07 18.30 21.14
N LEU A 286 -16.31 17.00 20.98
CA LEU A 286 -17.17 16.23 21.88
C LEU A 286 -16.67 16.25 23.31
N VAL A 287 -15.35 16.26 23.46
CA VAL A 287 -14.73 16.06 24.74
C VAL A 287 -13.58 17.08 25.03
N PRO A 288 -13.63 17.86 26.13
CA PRO A 288 -12.50 18.83 26.25
C PRO A 288 -11.17 18.17 26.39
N GLY A 289 -11.13 16.93 26.93
CA GLY A 289 -9.79 16.24 26.95
C GLY A 289 -9.25 15.98 25.55
N LEU A 290 -10.13 15.81 24.57
CA LEU A 290 -9.66 15.65 23.19
C LEU A 290 -9.24 16.98 22.58
N MET A 291 -9.95 18.06 22.93
CA MET A 291 -9.61 19.36 22.46
C MET A 291 -8.30 19.81 23.11
N MET A 292 -8.01 19.35 24.34
CA MET A 292 -6.71 19.68 24.95
C MET A 292 -5.53 19.22 24.07
N TYR A 293 -5.57 17.92 23.69
CA TYR A 293 -4.52 17.36 22.81
C TYR A 293 -4.57 17.92 21.37
N ALA A 294 -5.77 18.21 20.85
CA ALA A 294 -5.79 18.87 19.56
C ALA A 294 -5.05 20.19 19.61
N THR A 295 -5.31 20.94 20.69
CA THR A 295 -4.69 22.24 20.86
C THR A 295 -3.20 22.07 21.03
N ILE A 296 -2.77 21.09 21.84
CA ILE A 296 -1.32 20.87 22.02
C ILE A 296 -0.60 20.53 20.67
N TRP A 297 -1.25 19.66 19.88
CA TRP A 297 -0.66 19.26 18.64
C TRP A 297 -0.68 20.37 17.57
N LEU A 298 -1.70 21.21 17.58
CA LEU A 298 -1.72 22.36 16.63
C LEU A 298 -0.52 23.31 16.92
N ARG A 299 -0.39 23.69 18.21
CA ARG A 299 0.81 24.38 18.67
C ARG A 299 2.10 23.70 18.28
N GLU A 300 2.21 22.38 18.47
CA GLU A 300 3.47 21.72 18.09
C GLU A 300 3.75 21.91 16.57
N HIS A 301 2.74 21.76 15.73
CA HIS A 301 2.92 21.91 14.28
C HIS A 301 3.48 23.30 13.98
N ASN A 302 2.87 24.33 14.57
CA ASN A 302 3.34 25.68 14.27
C ASN A 302 4.74 26.01 14.87
N ARG A 303 5.09 25.37 15.97
CA ARG A 303 6.40 25.56 16.59
C ARG A 303 7.49 24.91 15.71
N VAL A 304 7.24 23.67 15.20
CA VAL A 304 8.08 23.06 14.16
C VAL A 304 8.14 23.89 12.87
N CYS A 305 7.05 24.52 12.42
CA CYS A 305 7.16 25.52 11.33
C CYS A 305 8.19 26.66 11.60
N ASP A 306 8.18 27.22 12.84
CA ASP A 306 9.06 28.28 13.20
C ASP A 306 10.52 27.75 13.19
N ILE A 307 10.73 26.56 13.73
CA ILE A 307 12.10 25.98 13.70
C ILE A 307 12.61 25.76 12.26
N LEU A 308 11.76 25.15 11.40
CA LEU A 308 12.17 24.94 10.01
C LEU A 308 12.38 26.23 9.22
N LYS A 309 11.58 27.25 9.50
CA LYS A 309 11.72 28.55 8.78
C LYS A 309 13.05 29.20 9.14
N GLN A 310 13.44 29.02 10.41
CA GLN A 310 14.72 29.50 10.88
C GLN A 310 15.87 28.77 10.15
N GLU A 311 15.74 27.43 10.07
CA GLU A 311 16.70 26.57 9.37
C GLU A 311 16.72 26.80 7.87
N HIS A 312 15.55 27.04 7.28
CA HIS A 312 15.38 27.19 5.83
C HIS A 312 14.62 28.48 5.46
N PRO A 313 15.30 29.67 5.49
CA PRO A 313 14.58 30.89 5.06
C PRO A 313 14.23 30.83 3.59
N GLU A 314 14.85 29.93 2.83
CA GLU A 314 14.55 29.81 1.42
C GLU A 314 13.28 29.01 1.07
N TRP A 315 12.73 28.27 2.02
CA TRP A 315 11.62 27.38 1.79
C TRP A 315 10.31 28.15 1.74
N GLY A 316 9.40 27.75 0.89
CA GLY A 316 8.06 28.31 0.96
C GLY A 316 7.08 27.57 1.86
N ASP A 317 5.86 28.11 1.91
CA ASP A 317 4.81 27.62 2.82
C ASP A 317 4.52 26.09 2.66
N GLU A 318 4.41 25.61 1.40
CA GLU A 318 4.01 24.22 1.13
C GLU A 318 5.04 23.24 1.74
N GLN A 319 6.31 23.48 1.52
CA GLN A 319 7.34 22.51 1.96
C GLN A 319 7.45 22.62 3.47
N LEU A 320 7.32 23.83 4.02
CA LEU A 320 7.30 23.98 5.50
C LEU A 320 6.16 23.14 6.10
N PHE A 321 4.97 23.26 5.49
CA PHE A 321 3.83 22.56 6.02
C PHE A 321 4.10 21.05 5.94
N GLN A 322 4.45 20.52 4.74
CA GLN A 322 4.62 19.04 4.57
C GLN A 322 5.72 18.48 5.43
N THR A 323 6.78 19.24 5.58
CA THR A 323 7.93 18.71 6.38
C THR A 323 7.61 18.69 7.89
N SER A 324 6.93 19.73 8.41
CA SER A 324 6.40 19.66 9.74
C SER A 324 5.48 18.49 9.95
N ARG A 325 4.60 18.24 8.99
CA ARG A 325 3.72 17.06 9.14
C ARG A 325 4.53 15.79 9.32
N LEU A 326 5.57 15.62 8.47
CA LEU A 326 6.38 14.36 8.58
C LEU A 326 7.06 14.28 9.93
N ILE A 327 7.59 15.42 10.35
CA ILE A 327 8.17 15.50 11.68
C ILE A 327 7.13 15.11 12.78
N LEU A 328 5.90 15.62 12.69
CA LEU A 328 4.92 15.31 13.79
C LEU A 328 4.50 13.80 13.76
N ILE A 329 4.44 13.23 12.54
CA ILE A 329 4.18 11.87 12.43
C ILE A 329 5.29 11.05 13.21
N GLY A 330 6.56 11.33 12.91
CA GLY A 330 7.69 10.78 13.69
C GLY A 330 7.60 10.99 15.20
N GLU A 331 7.29 12.21 15.63
CA GLU A 331 7.14 12.46 17.05
C GLU A 331 6.02 11.59 17.63
N THR A 332 4.96 11.41 16.88
CA THR A 332 3.86 10.62 17.38
C THR A 332 4.25 9.16 17.59
N ILE A 333 4.93 8.59 16.59
CA ILE A 333 5.40 7.21 16.72
C ILE A 333 6.36 7.02 17.90
N LYS A 334 7.29 7.98 18.00
CA LYS A 334 8.28 8.00 19.06
C LYS A 334 7.62 7.94 20.46
N ILE A 335 6.61 8.78 20.67
CA ILE A 335 5.98 8.92 22.00
C ILE A 335 5.10 7.74 22.28
N VAL A 336 4.44 7.26 21.23
CA VAL A 336 3.56 6.11 21.35
C VAL A 336 4.38 4.90 21.78
N ILE A 337 5.53 4.66 21.16
CA ILE A 337 6.31 3.50 21.54
C ILE A 337 6.96 3.70 22.94
N GLU A 338 7.71 4.79 23.07
CA GLU A 338 8.62 4.89 24.22
C GLU A 338 7.93 5.42 25.47
N ASP A 339 6.82 6.14 25.31
CA ASP A 339 6.06 6.58 26.50
C ASP A 339 4.78 5.80 26.71
N TYR A 340 3.92 5.84 25.70
CA TYR A 340 2.57 5.27 25.84
C TYR A 340 2.53 3.70 25.98
N VAL A 341 3.09 3.00 24.99
CA VAL A 341 3.25 1.52 25.03
C VAL A 341 4.19 1.11 26.20
N GLN A 342 5.29 1.83 26.38
CA GLN A 342 6.18 1.56 27.53
C GLN A 342 5.33 1.53 28.83
N HIS A 343 4.50 2.60 29.01
CA HIS A 343 3.70 2.67 30.23
C HIS A 343 2.74 1.45 30.39
N LEU A 344 1.99 1.18 29.34
CA LEU A 344 1.03 0.12 29.32
C LEU A 344 1.63 -1.24 29.53
N SER A 345 2.82 -1.46 28.99
CA SER A 345 3.45 -2.73 29.01
C SER A 345 3.74 -3.16 30.45
N GLY A 346 4.00 -2.24 31.38
CA GLY A 346 4.60 -2.60 32.71
C GLY A 346 6.06 -3.12 32.63
N TYR A 347 6.69 -3.10 31.45
CA TYR A 347 7.99 -3.75 31.40
C TYR A 347 9.05 -2.92 32.06
N HIS A 348 10.04 -3.58 32.67
CA HIS A 348 11.31 -2.93 33.02
C HIS A 348 12.24 -2.71 31.82
N PHE A 349 12.13 -3.53 30.77
CA PHE A 349 12.89 -3.31 29.54
C PHE A 349 12.40 -1.96 28.92
N LYS A 350 13.32 -1.14 28.41
CA LYS A 350 12.97 0.16 27.77
C LYS A 350 12.76 -0.03 26.26
N LEU A 351 11.51 -0.08 25.83
CA LEU A 351 11.16 -0.08 24.42
C LEU A 351 11.84 1.10 23.65
N LYS A 352 12.15 0.92 22.39
CA LYS A 352 12.87 1.89 21.60
C LYS A 352 12.21 2.09 20.24
N PHE A 353 12.04 3.35 19.82
CA PHE A 353 11.57 3.65 18.44
C PHE A 353 12.84 3.78 17.62
N ASP A 354 13.13 2.79 16.77
CA ASP A 354 14.30 2.84 15.91
C ASP A 354 14.09 2.05 14.63
N PRO A 355 13.70 2.76 13.53
CA PRO A 355 13.47 2.14 12.23
C PRO A 355 14.60 1.23 11.76
N GLU A 356 15.84 1.57 12.08
CA GLU A 356 17.00 0.82 11.62
C GLU A 356 17.02 -0.60 12.11
N LEU A 357 16.40 -0.90 13.25
CA LEU A 357 16.31 -2.30 13.69
C LEU A 357 15.62 -3.22 12.68
N LEU A 358 14.81 -2.66 11.77
CA LEU A 358 14.12 -3.53 10.81
C LEU A 358 14.87 -3.57 9.46
N PHE A 359 15.93 -2.75 9.28
CA PHE A 359 16.58 -2.67 7.93
C PHE A 359 17.18 -4.02 7.36
N ASN A 360 17.57 -4.93 8.25
CA ASN A 360 18.03 -6.24 7.78
C ASN A 360 17.01 -7.33 8.00
N GLN A 361 15.75 -6.96 8.25
CA GLN A 361 14.66 -7.91 8.51
C GLN A 361 13.67 -7.88 7.33
N GLN A 362 12.86 -8.94 7.24
CA GLN A 362 11.74 -9.00 6.31
C GLN A 362 10.52 -8.32 6.94
N PHE A 363 10.08 -7.19 6.39
CA PHE A 363 9.00 -6.42 7.01
C PHE A 363 8.34 -5.60 5.90
N GLN A 364 7.01 -5.58 5.92
CA GLN A 364 6.19 -4.83 4.99
C GLN A 364 5.82 -3.44 5.52
N TYR A 365 6.31 -2.39 4.85
CA TYR A 365 5.99 -1.04 5.22
C TYR A 365 4.60 -0.67 4.67
N GLN A 366 3.56 -1.21 5.27
CA GLN A 366 2.19 -0.85 4.91
C GLN A 366 1.32 -1.44 6.00
N ASN A 367 0.12 -0.92 6.10
CA ASN A 367 -0.78 -1.37 7.19
C ASN A 367 -2.23 -1.19 6.74
N ARG A 368 -3.08 -2.08 7.20
CA ARG A 368 -4.53 -1.96 7.00
C ARG A 368 -5.16 -2.13 8.39
N ILE A 369 -6.03 -1.21 8.82
CA ILE A 369 -6.59 -1.31 10.15
C ILE A 369 -7.68 -2.46 10.23
N ALA A 370 -7.49 -3.36 11.18
CA ALA A 370 -8.37 -4.45 11.47
C ALA A 370 -9.53 -4.05 12.33
N SER A 371 -10.67 -4.56 11.94
CA SER A 371 -11.92 -4.38 12.69
C SER A 371 -11.72 -4.84 14.14
N GLU A 372 -11.03 -5.95 14.34
CA GLU A 372 -10.86 -6.41 15.71
C GLU A 372 -9.91 -5.53 16.57
N PHE A 373 -8.97 -4.84 15.92
CA PHE A 373 -8.07 -3.94 16.65
C PHE A 373 -8.93 -2.79 17.18
N ASN A 374 -9.87 -2.30 16.32
CA ASN A 374 -10.91 -1.30 16.76
C ASN A 374 -11.71 -1.81 17.98
N THR A 375 -12.21 -3.06 17.89
CA THR A 375 -13.05 -3.62 18.95
C THR A 375 -12.26 -3.75 20.24
N LEU A 376 -11.03 -4.22 20.21
CA LEU A 376 -10.33 -4.41 21.50
C LEU A 376 -9.92 -3.08 22.15
N TYR A 377 -9.84 -2.01 21.31
CA TYR A 377 -9.54 -0.69 21.79
C TYR A 377 -10.75 0.06 22.36
N HIS A 378 -11.88 -0.63 22.52
CA HIS A 378 -13.03 -0.03 23.20
C HIS A 378 -12.81 0.01 24.70
N TRP A 379 -11.93 0.91 25.13
CA TRP A 379 -11.45 0.93 26.52
C TRP A 379 -12.33 1.79 27.40
N HIS A 380 -13.61 1.63 27.27
CA HIS A 380 -14.68 2.28 28.08
CA HIS A 380 -14.41 2.56 28.07
C HIS A 380 -14.31 2.39 29.61
N PRO A 381 -13.81 1.26 30.18
CA PRO A 381 -13.58 1.30 31.62
C PRO A 381 -12.50 2.26 32.14
N LEU A 382 -11.60 2.72 31.28
CA LEU A 382 -10.70 3.82 31.62
C LEU A 382 -11.41 5.08 32.12
N LEU A 383 -12.62 5.37 31.59
CA LEU A 383 -13.28 6.63 31.95
C LEU A 383 -13.58 6.70 33.47
N PRO A 384 -13.30 7.85 34.12
CA PRO A 384 -13.62 8.04 35.53
C PRO A 384 -15.13 8.27 35.71
N ASP A 385 -15.58 8.40 36.96
CA ASP A 385 -16.95 8.74 37.24
C ASP A 385 -17.16 10.23 37.09
N THR A 386 -16.12 11.04 37.33
CA THR A 386 -16.19 12.50 37.14
C THR A 386 -14.85 12.94 36.58
N PHE A 387 -14.80 14.13 36.01
CA PHE A 387 -13.57 14.67 35.34
C PHE A 387 -13.16 15.81 36.25
N ASN A 388 -12.03 15.63 36.94
CA ASN A 388 -11.67 16.54 38.05
C ASN A 388 -10.56 17.53 37.67
N ILE A 389 -10.96 18.79 37.53
CA ILE A 389 -10.02 19.79 37.13
C ILE A 389 -9.95 20.85 38.23
N GLU A 390 -8.74 21.07 38.74
CA GLU A 390 -8.53 22.11 39.72
C GLU A 390 -9.43 21.72 40.91
N ASP A 391 -10.34 22.60 41.32
CA ASP A 391 -11.24 22.25 42.40
C ASP A 391 -12.53 21.58 41.96
N GLN A 392 -12.84 21.62 40.69
CA GLN A 392 -14.16 21.19 40.23
C GLN A 392 -14.18 19.69 39.91
N GLU A 393 -15.37 19.09 40.03
CA GLU A 393 -15.54 17.70 39.65
C GLU A 393 -16.69 17.63 38.68
N TYR A 394 -16.41 17.56 37.38
CA TYR A 394 -17.47 17.59 36.40
C TYR A 394 -18.04 16.23 36.08
N SER A 395 -19.38 16.16 35.97
CA SER A 395 -20.07 14.93 35.52
C SER A 395 -19.92 14.77 34.01
N PHE A 396 -20.31 13.61 33.49
CA PHE A 396 -20.27 13.41 32.04
C PHE A 396 -21.12 14.46 31.36
N LYS A 397 -22.29 14.74 31.92
CA LYS A 397 -23.15 15.74 31.24
C LYS A 397 -22.52 17.11 31.21
N GLN A 398 -21.80 17.46 32.26
CA GLN A 398 -21.22 18.78 32.27
C GLN A 398 -19.96 18.86 31.38
N PHE A 399 -19.25 17.76 31.24
CA PHE A 399 -17.96 17.74 30.52
C PHE A 399 -18.16 17.65 29.01
N LEU A 400 -19.18 16.92 28.58
CA LEU A 400 -19.42 16.64 27.16
C LEU A 400 -19.66 17.90 26.37
N TYR A 401 -19.01 18.04 25.21
CA TYR A 401 -19.20 19.22 24.31
C TYR A 401 -18.91 20.57 24.91
N ASN A 402 -18.16 20.57 25.99
CA ASN A 402 -18.01 21.81 26.73
C ASN A 402 -16.59 22.42 26.67
N ASN A 403 -16.23 23.00 25.54
CA ASN A 403 -14.96 23.70 25.50
C ASN A 403 -14.85 24.92 26.45
N SER A 404 -15.93 25.34 27.13
CA SER A 404 -15.72 26.50 28.07
C SER A 404 -14.82 26.14 29.21
N ILE A 405 -14.93 24.88 29.65
CA ILE A 405 -14.14 24.37 30.74
C ILE A 405 -12.66 24.47 30.42
N LEU A 406 -12.27 24.09 29.19
CA LEU A 406 -10.89 24.21 28.70
C LEU A 406 -10.41 25.66 28.79
N LEU A 407 -11.20 26.59 28.27
CA LEU A 407 -10.88 28.05 28.34
C LEU A 407 -10.86 28.58 29.74
N GLU A 408 -11.83 28.19 30.58
CA GLU A 408 -11.89 28.62 31.95
C GLU A 408 -10.65 28.20 32.75
N HIS A 409 -10.27 26.92 32.68
CA HIS A 409 -9.15 26.44 33.51
C HIS A 409 -7.82 26.64 32.82
N GLY A 410 -7.82 26.55 31.49
CA GLY A 410 -6.57 26.70 30.71
C GLY A 410 -5.85 25.35 30.59
N LEU A 411 -4.98 25.21 29.58
CA LEU A 411 -4.21 24.00 29.37
C LEU A 411 -3.24 23.59 30.48
N THR A 412 -2.61 24.56 31.14
CA THR A 412 -1.71 24.25 32.24
C THR A 412 -2.47 23.47 33.33
N GLN A 413 -3.61 24.03 33.76
CA GLN A 413 -4.43 23.37 34.79
C GLN A 413 -4.95 22.01 34.31
N PHE A 414 -5.43 21.94 33.04
CA PHE A 414 -5.76 20.66 32.45
C PHE A 414 -4.66 19.62 32.66
N VAL A 415 -3.42 19.95 32.29
CA VAL A 415 -2.35 18.98 32.32
C VAL A 415 -2.09 18.59 33.81
N GLU A 416 -1.98 19.60 34.67
CA GLU A 416 -1.71 19.32 36.06
C GLU A 416 -2.78 18.39 36.68
N SER A 417 -4.06 18.58 36.34
CA SER A 417 -5.15 17.82 36.97
C SER A 417 -5.25 16.41 36.37
N PHE A 418 -5.19 16.38 35.05
CA PHE A 418 -5.30 15.10 34.38
C PHE A 418 -4.12 14.22 34.69
N THR A 419 -2.95 14.82 34.97
CA THR A 419 -1.74 14.03 35.32
C THR A 419 -1.92 13.34 36.68
N ARG A 420 -2.72 13.97 37.54
CA ARG A 420 -2.91 13.52 38.88
C ARG A 420 -4.12 12.63 38.98
N GLN A 421 -5.05 12.63 38.01
CA GLN A 421 -6.30 11.86 38.17
C GLN A 421 -6.19 10.43 37.61
N ILE A 422 -6.50 9.43 38.46
CA ILE A 422 -6.32 8.06 38.03
C ILE A 422 -7.45 7.58 37.05
N ALA A 423 -7.10 6.68 36.11
CA ALA A 423 -8.08 6.12 35.17
C ALA A 423 -8.53 4.76 35.67
N GLY A 424 -9.57 4.22 35.04
CA GLY A 424 -10.13 2.93 35.43
C GLY A 424 -9.35 1.74 34.91
N ARG A 425 -9.47 0.63 35.65
CA ARG A 425 -8.97 -0.67 35.21
C ARG A 425 -9.84 -1.21 34.05
N VAL A 426 -9.19 -1.74 33.00
CA VAL A 426 -9.88 -2.26 31.77
C VAL A 426 -10.29 -3.70 31.86
N ALA A 427 -9.39 -4.59 32.25
CA ALA A 427 -9.79 -5.98 32.49
C ALA A 427 -10.37 -6.12 33.93
N GLY A 428 -10.75 -7.33 34.30
CA GLY A 428 -11.14 -7.63 35.66
C GLY A 428 -12.65 -7.54 35.88
N GLY A 429 -13.39 -7.01 34.90
CA GLY A 429 -14.88 -7.04 34.96
C GLY A 429 -15.49 -5.82 35.60
N ARG A 430 -16.76 -5.59 35.27
CA ARG A 430 -17.60 -4.61 35.99
C ARG A 430 -16.99 -3.20 36.24
N ASN A 431 -16.49 -2.57 35.19
CA ASN A 431 -15.91 -1.28 35.35
C ASN A 431 -16.27 -0.34 34.24
N VAL A 432 -17.29 -0.69 33.43
CA VAL A 432 -17.80 0.23 32.41
C VAL A 432 -18.73 1.33 32.96
N PRO A 433 -18.35 2.61 32.82
CA PRO A 433 -19.20 3.61 33.50
C PRO A 433 -20.58 3.57 32.88
N ILE A 434 -21.64 3.72 33.64
CA ILE A 434 -22.98 3.63 33.03
C ILE A 434 -23.27 4.76 32.01
N ALA A 435 -22.58 5.89 32.12
CA ALA A 435 -22.84 6.99 31.17
C ALA A 435 -22.59 6.52 29.71
N VAL A 436 -21.74 5.53 29.51
CA VAL A 436 -21.42 5.06 28.14
C VAL A 436 -21.97 3.64 27.93
N GLN A 437 -22.99 3.25 28.70
CA GLN A 437 -23.51 1.87 28.58
C GLN A 437 -23.99 1.56 27.14
N ALA A 438 -24.60 2.57 26.50
CA ALA A 438 -25.09 2.41 25.14
C ALA A 438 -23.96 2.09 24.13
N VAL A 439 -22.79 2.72 24.33
CA VAL A 439 -21.64 2.49 23.50
C VAL A 439 -21.12 1.10 23.77
N ALA A 440 -21.00 0.75 25.06
CA ALA A 440 -20.63 -0.61 25.44
C ALA A 440 -21.58 -1.67 24.84
N LYS A 441 -22.90 -1.45 24.88
CA LYS A 441 -23.82 -2.38 24.23
C LYS A 441 -23.65 -2.47 22.68
N ALA A 442 -23.45 -1.30 22.05
CA ALA A 442 -23.10 -1.25 20.59
C ALA A 442 -21.87 -2.09 20.22
N SER A 443 -20.88 -2.17 21.12
CA SER A 443 -19.67 -2.92 20.78
C SER A 443 -20.03 -4.38 20.66
N ILE A 444 -20.94 -4.83 21.55
CA ILE A 444 -21.43 -6.18 21.48
C ILE A 444 -22.31 -6.42 20.26
N ASP A 445 -23.30 -5.54 20.05
CA ASP A 445 -24.24 -5.75 18.94
C ASP A 445 -23.53 -5.74 17.58
N GLN A 446 -22.57 -4.83 17.40
CA GLN A 446 -21.88 -4.69 16.13
C GLN A 446 -20.90 -5.82 15.85
N SER A 447 -20.21 -6.31 16.89
CA SER A 447 -19.42 -7.56 16.78
C SER A 447 -20.28 -8.69 16.20
N ARG A 448 -21.50 -8.79 16.70
CA ARG A 448 -22.44 -9.79 16.21
C ARG A 448 -22.88 -9.54 14.78
N GLU A 449 -23.23 -8.30 14.45
CA GLU A 449 -23.56 -7.98 13.05
C GLU A 449 -22.39 -8.28 12.11
N MET A 450 -21.14 -8.07 12.54
CA MET A 450 -19.96 -8.32 11.66
C MET A 450 -19.57 -9.79 11.72
N LYS A 451 -20.39 -10.56 12.47
CA LYS A 451 -20.21 -12.02 12.52
C LYS A 451 -18.79 -12.42 12.93
N TYR A 452 -18.30 -11.84 14.03
CA TYR A 452 -17.07 -12.22 14.67
C TYR A 452 -17.13 -13.66 15.15
N GLN A 453 -16.03 -14.37 14.91
CA GLN A 453 -15.74 -15.68 15.57
C GLN A 453 -15.56 -15.48 17.12
N SER A 454 -15.42 -16.57 17.85
CA SER A 454 -15.47 -16.55 19.30
C SER A 454 -14.11 -16.12 19.83
N LEU A 455 -14.10 -15.74 21.11
CA LEU A 455 -12.86 -15.52 21.89
C LEU A 455 -11.83 -16.63 21.67
N ASN A 456 -12.28 -17.88 21.84
CA ASN A 456 -11.32 -18.94 21.75
C ASN A 456 -10.81 -19.12 20.33
N GLU A 457 -11.61 -18.83 19.32
CA GLU A 457 -11.04 -18.81 17.95
C GLU A 457 -9.99 -17.68 17.81
N TYR A 458 -10.26 -16.52 18.40
CA TYR A 458 -9.27 -15.44 18.35
C TYR A 458 -8.00 -15.81 19.15
N ARG A 459 -8.18 -16.39 20.33
CA ARG A 459 -6.99 -16.75 21.10
C ARG A 459 -6.13 -17.70 20.26
N LYS A 460 -6.72 -18.71 19.63
CA LYS A 460 -5.91 -19.66 18.78
C LYS A 460 -5.26 -18.97 17.59
N ARG A 461 -5.98 -18.03 16.98
CA ARG A 461 -5.41 -17.18 15.88
C ARG A 461 -4.07 -16.46 16.29
N PHE A 462 -3.98 -16.08 17.58
CA PHE A 462 -2.82 -15.38 18.08
C PHE A 462 -1.97 -16.28 18.99
N SER A 463 -1.99 -17.59 18.73
CA SER A 463 -1.14 -18.56 19.45
C SER A 463 -1.37 -18.65 20.94
N LEU A 464 -2.59 -18.44 21.42
CA LEU A 464 -2.85 -18.63 22.84
C LEU A 464 -3.66 -19.92 22.99
N LYS A 465 -3.57 -20.56 24.16
CA LYS A 465 -4.40 -21.74 24.47
C LYS A 465 -5.87 -21.27 24.65
N PRO A 466 -6.82 -22.00 24.05
CA PRO A 466 -8.25 -21.67 24.32
C PRO A 466 -8.57 -21.79 25.83
N TYR A 467 -9.38 -20.92 26.36
CA TYR A 467 -9.87 -21.10 27.73
C TYR A 467 -10.74 -22.35 27.87
N THR A 468 -10.60 -23.07 28.99
CA THR A 468 -11.35 -24.33 29.13
C THR A 468 -12.53 -24.17 30.08
N SER A 469 -12.73 -22.99 30.65
CA SER A 469 -13.91 -22.72 31.46
C SER A 469 -14.04 -21.19 31.66
N PHE A 470 -15.20 -20.76 32.15
CA PHE A 470 -15.47 -19.38 32.41
C PHE A 470 -14.66 -18.88 33.60
N GLU A 471 -14.48 -19.79 34.57
CA GLU A 471 -13.66 -19.51 35.73
C GLU A 471 -12.23 -19.24 35.37
N GLU A 472 -11.68 -20.04 34.45
CA GLU A 472 -10.30 -19.81 34.00
C GLU A 472 -10.20 -18.45 33.29
N LEU A 473 -11.19 -18.11 32.48
CA LEU A 473 -11.21 -16.77 31.85
C LEU A 473 -11.14 -15.64 32.89
N THR A 474 -12.05 -15.64 33.85
CA THR A 474 -12.15 -14.50 34.74
C THR A 474 -11.21 -14.57 35.96
N GLY A 475 -10.80 -15.79 36.33
CA GLY A 475 -10.01 -15.96 37.58
C GLY A 475 -10.84 -15.86 38.84
N GLU A 476 -12.15 -15.99 38.73
CA GLU A 476 -13.03 -15.56 39.84
C GLU A 476 -14.27 -16.49 39.73
N LYS A 477 -15.28 -16.34 40.59
CA LYS A 477 -16.43 -17.30 40.57
C LYS A 477 -17.75 -16.70 40.11
N GLU A 478 -18.06 -15.51 40.59
CA GLU A 478 -19.39 -14.97 40.45
C GLU A 478 -19.69 -14.56 39.00
N MET A 479 -18.79 -13.78 38.40
CA MET A 479 -18.91 -13.42 36.99
C MET A 479 -18.85 -14.69 36.14
N ALA A 480 -17.94 -15.59 36.45
CA ALA A 480 -17.81 -16.82 35.67
C ALA A 480 -19.14 -17.60 35.63
N ALA A 481 -19.79 -17.70 36.81
CA ALA A 481 -21.10 -18.33 36.92
C ALA A 481 -22.15 -17.55 36.09
N GLU A 482 -22.20 -16.22 36.17
CA GLU A 482 -23.18 -15.50 35.35
C GLU A 482 -22.93 -15.82 33.85
N LEU A 483 -21.66 -15.78 33.42
CA LEU A 483 -21.37 -16.01 32.01
C LEU A 483 -21.68 -17.46 31.60
N LYS A 484 -21.46 -18.41 32.52
CA LYS A 484 -21.69 -19.83 32.22
C LYS A 484 -23.18 -19.96 31.92
N ALA A 485 -24.02 -19.34 32.74
CA ALA A 485 -25.47 -19.41 32.50
C ALA A 485 -25.87 -18.62 31.24
N LEU A 486 -25.16 -17.56 30.86
CA LEU A 486 -25.57 -16.80 29.70
C LEU A 486 -25.20 -17.49 28.36
N TYR A 487 -23.98 -18.04 28.30
CA TYR A 487 -23.34 -18.54 27.06
C TYR A 487 -23.26 -20.08 26.91
N SER A 488 -23.42 -20.81 28.04
CA SER A 488 -23.32 -22.30 28.20
C SER A 488 -21.98 -22.90 27.90
N ASP A 489 -21.38 -22.55 26.78
CA ASP A 489 -20.12 -23.15 26.36
C ASP A 489 -19.01 -22.09 26.29
N ILE A 490 -17.88 -22.29 26.98
CA ILE A 490 -16.73 -21.37 26.84
C ILE A 490 -16.28 -21.14 25.37
N ASP A 491 -16.47 -22.13 24.49
CA ASP A 491 -16.07 -21.96 23.09
C ASP A 491 -16.96 -21.02 22.29
N VAL A 492 -18.07 -20.55 22.86
CA VAL A 492 -18.82 -19.48 22.26
C VAL A 492 -18.85 -18.13 23.02
N MET A 493 -18.09 -18.00 24.12
CA MET A 493 -17.93 -16.73 24.74
C MET A 493 -17.45 -15.76 23.64
N GLU A 494 -17.85 -14.51 23.71
CA GLU A 494 -17.53 -13.50 22.69
C GLU A 494 -16.30 -12.68 23.05
N LEU A 495 -15.58 -12.23 22.01
CA LEU A 495 -14.35 -11.51 22.17
C LEU A 495 -14.45 -10.23 23.02
N TYR A 496 -15.26 -9.29 22.60
CA TYR A 496 -15.24 -7.98 23.24
C TYR A 496 -15.56 -8.05 24.74
N PRO A 497 -16.68 -8.71 25.13
CA PRO A 497 -16.95 -8.79 26.58
C PRO A 497 -15.88 -9.64 27.33
N ALA A 498 -15.26 -10.64 26.66
CA ALA A 498 -14.16 -11.39 27.36
C ALA A 498 -12.97 -10.50 27.74
N LEU A 499 -12.62 -9.55 26.85
CA LEU A 499 -11.48 -8.67 27.08
C LEU A 499 -11.73 -7.82 28.35
N LEU A 500 -12.99 -7.48 28.61
CA LEU A 500 -13.25 -6.62 29.79
C LEU A 500 -13.49 -7.37 31.10
N VAL A 501 -13.73 -8.69 31.05
CA VAL A 501 -13.88 -9.49 32.30
C VAL A 501 -12.68 -10.38 32.59
N GLU A 502 -11.75 -10.43 31.64
CA GLU A 502 -10.67 -11.35 31.71
C GLU A 502 -9.83 -11.08 32.99
N LYS A 503 -9.30 -12.15 33.60
CA LYS A 503 -8.40 -12.00 34.70
C LYS A 503 -7.18 -11.17 34.27
N PRO A 504 -6.91 -10.05 34.96
CA PRO A 504 -5.76 -9.21 34.64
C PRO A 504 -4.49 -9.91 35.04
N ARG A 505 -3.39 -9.54 34.38
CA ARG A 505 -2.05 -9.83 34.90
C ARG A 505 -1.91 -9.21 36.30
N PRO A 506 -0.94 -9.72 37.10
CA PRO A 506 -0.83 -9.24 38.48
C PRO A 506 -0.64 -7.71 38.56
N ASP A 507 -1.54 -7.05 39.29
CA ASP A 507 -1.66 -5.57 39.33
C ASP A 507 -1.55 -4.89 37.99
N ALA A 508 -2.15 -5.51 36.96
CA ALA A 508 -2.02 -4.98 35.61
C ALA A 508 -3.36 -4.45 35.12
N ILE A 509 -3.33 -3.62 34.10
CA ILE A 509 -4.58 -3.01 33.63
C ILE A 509 -5.37 -3.95 32.68
N PHE A 510 -4.65 -4.92 32.07
CA PHE A 510 -5.13 -5.82 30.98
C PHE A 510 -4.88 -7.31 31.28
N GLY A 511 -5.66 -8.21 30.66
CA GLY A 511 -5.34 -9.67 30.69
C GLY A 511 -4.51 -10.04 29.45
N GLU A 512 -4.08 -11.29 29.40
CA GLU A 512 -3.28 -11.84 28.34
C GLU A 512 -3.89 -11.57 26.95
N THR A 513 -5.20 -11.80 26.78
CA THR A 513 -5.79 -11.68 25.42
C THR A 513 -5.67 -10.26 24.87
N MET A 514 -5.85 -9.27 25.73
CA MET A 514 -5.74 -7.89 25.27
CA MET A 514 -5.72 -7.90 25.29
C MET A 514 -4.30 -7.61 24.77
N VAL A 515 -3.30 -7.99 25.56
CA VAL A 515 -1.90 -7.67 25.22
C VAL A 515 -1.50 -8.47 23.99
N GLU A 516 -1.89 -9.73 23.94
CA GLU A 516 -1.42 -10.60 22.80
C GLU A 516 -2.09 -10.37 21.42
N LEU A 517 -3.29 -9.78 21.40
CA LEU A 517 -3.89 -9.35 20.15
C LEU A 517 -3.43 -7.92 19.86
N GLY A 518 -3.48 -7.08 20.89
CA GLY A 518 -3.18 -5.65 20.77
C GLY A 518 -1.74 -5.30 20.34
N ALA A 519 -0.75 -6.02 20.88
CA ALA A 519 0.63 -5.67 20.61
C ALA A 519 0.95 -5.89 19.08
N PRO A 520 0.54 -7.04 18.47
CA PRO A 520 0.84 -7.20 17.03
C PRO A 520 0.19 -6.13 16.18
N PHE A 521 -1.08 -5.83 16.42
CA PHE A 521 -1.75 -4.81 15.59
C PHE A 521 -1.08 -3.44 15.78
N SER A 522 -0.75 -3.11 17.05
CA SER A 522 -0.13 -1.81 17.36
CA SER A 522 -0.13 -1.83 17.40
C SER A 522 1.24 -1.63 16.70
N LEU A 523 2.16 -2.58 16.93
CA LEU A 523 3.53 -2.43 16.46
C LEU A 523 3.60 -2.49 14.94
N LYS A 524 2.76 -3.33 14.35
CA LYS A 524 2.59 -3.36 12.91
C LYS A 524 2.19 -1.98 12.33
N GLY A 525 1.14 -1.37 12.86
CA GLY A 525 0.71 -0.08 12.36
C GLY A 525 1.72 1.03 12.67
N LEU A 526 2.44 0.90 13.77
CA LEU A 526 3.49 1.87 14.04
C LEU A 526 4.72 1.81 13.11
N MET A 527 5.35 0.64 13.01
CA MET A 527 6.49 0.47 12.16
C MET A 527 6.17 0.39 10.66
N GLY A 528 4.95 -0.01 10.32
CA GLY A 528 4.52 -0.12 8.92
C GLY A 528 4.46 1.23 8.20
N ASN A 529 4.50 2.35 8.90
CA ASN A 529 4.41 3.68 8.31
C ASN A 529 5.56 3.93 7.29
N PRO A 530 5.29 4.63 6.16
CA PRO A 530 6.41 4.79 5.21
C PRO A 530 7.60 5.56 5.82
N ILE A 531 7.41 6.42 6.84
CA ILE A 531 8.52 7.21 7.33
C ILE A 531 9.57 6.32 8.02
N CYS A 532 9.18 5.07 8.32
CA CYS A 532 10.08 4.08 8.93
C CYS A 532 10.85 3.29 7.88
N SER A 533 10.52 3.47 6.60
CA SER A 533 11.17 2.73 5.51
C SER A 533 12.58 3.36 5.20
N PRO A 534 13.53 2.53 4.69
CA PRO A 534 14.91 3.08 4.60
C PRO A 534 15.01 4.31 3.70
N GLN A 535 14.18 4.36 2.64
CA GLN A 535 14.20 5.58 1.80
C GLN A 535 13.67 6.82 2.49
N TYR A 536 12.84 6.69 3.50
CA TYR A 536 12.36 7.88 4.21
C TYR A 536 13.17 8.18 5.49
N TRP A 537 13.75 7.15 6.09
CA TRP A 537 14.39 7.35 7.40
C TRP A 537 15.85 7.89 7.32
N LYS A 538 15.95 9.19 7.05
CA LYS A 538 17.14 9.90 6.63
C LYS A 538 16.87 11.31 7.06
N PRO A 539 17.92 12.08 7.52
CA PRO A 539 17.69 13.47 7.95
C PRO A 539 17.13 14.38 6.85
N SER A 540 17.50 14.18 5.57
CA SER A 540 16.90 15.07 4.47
C SER A 540 15.38 15.04 4.40
N THR A 541 14.76 13.93 4.78
CA THR A 541 13.26 13.81 4.73
C THR A 541 12.61 14.85 5.63
N PHE A 542 13.28 15.18 6.74
CA PHE A 542 12.72 15.98 7.85
C PHE A 542 13.38 17.38 7.88
N GLY A 543 14.02 17.76 6.76
CA GLY A 543 14.54 19.10 6.66
C GLY A 543 15.96 19.22 7.20
N GLY A 544 16.62 18.10 7.48
CA GLY A 544 18.04 18.10 7.84
C GLY A 544 18.13 17.62 9.30
N GLU A 545 19.32 17.66 9.88
CA GLU A 545 19.54 17.19 11.27
C GLU A 545 18.65 17.82 12.30
N VAL A 546 18.41 19.11 12.21
CA VAL A 546 17.49 19.73 13.16
C VAL A 546 16.08 19.05 13.21
N GLY A 547 15.45 18.84 12.04
CA GLY A 547 14.11 18.23 12.07
C GLY A 547 14.15 16.78 12.55
N PHE A 548 15.18 16.04 12.13
CA PHE A 548 15.36 14.64 12.51
C PHE A 548 15.44 14.49 14.01
N LYS A 549 16.17 15.40 14.67
CA LYS A 549 16.41 15.40 16.13
C LYS A 549 15.07 15.70 16.84
N ILE A 550 14.26 16.57 16.25
CA ILE A 550 12.96 16.83 16.91
C ILE A 550 12.25 15.52 17.15
N ILE A 551 12.26 14.65 16.16
CA ILE A 551 11.58 13.33 16.24
C ILE A 551 12.24 12.44 17.30
N ASN A 552 13.55 12.33 17.22
CA ASN A 552 14.25 11.23 17.95
C ASN A 552 14.50 11.56 19.40
N THR A 553 14.14 12.79 19.80
CA THR A 553 14.14 13.22 21.20
C THR A 553 12.70 13.63 21.74
N ALA A 554 11.63 13.41 20.96
CA ALA A 554 10.28 13.71 21.38
C ALA A 554 9.92 12.83 22.60
N SER A 555 9.13 13.36 23.52
CA SER A 555 8.46 12.57 24.55
C SER A 555 7.13 13.24 24.96
N ILE A 556 6.34 12.57 25.76
CA ILE A 556 5.12 13.15 26.26
C ILE A 556 5.46 14.38 27.11
N GLN A 557 6.58 14.30 27.83
CA GLN A 557 7.01 15.47 28.62
C GLN A 557 7.44 16.67 27.75
N SER A 558 8.24 16.47 26.70
CA SER A 558 8.71 17.57 25.88
C SER A 558 7.53 18.17 25.07
N LEU A 559 6.58 17.29 24.71
CA LEU A 559 5.37 17.74 24.02
C LEU A 559 4.62 18.81 24.84
N ILE A 560 4.37 18.49 26.10
CA ILE A 560 3.69 19.45 26.97
C ILE A 560 4.62 20.62 27.31
N CYS A 561 5.91 20.32 27.58
CA CYS A 561 6.83 21.38 27.97
C CYS A 561 6.93 22.48 26.88
N ASN A 562 7.11 22.07 25.62
CA ASN A 562 7.18 23.01 24.53
C ASN A 562 5.90 23.77 24.20
N ASN A 563 4.74 23.24 24.59
CA ASN A 563 3.49 23.78 24.08
C ASN A 563 2.48 24.23 25.11
N VAL A 564 2.79 24.11 26.40
CA VAL A 564 1.82 24.44 27.42
C VAL A 564 2.55 25.43 28.32
N LYS A 565 1.93 26.57 28.55
CA LYS A 565 2.52 27.61 29.35
C LYS A 565 2.97 27.13 30.75
N GLY A 566 4.17 27.53 31.20
CA GLY A 566 4.69 27.10 32.52
C GLY A 566 5.37 25.72 32.46
N CYS A 567 5.32 25.03 31.31
CA CYS A 567 5.98 23.71 31.25
C CYS A 567 5.74 22.77 32.47
N PRO A 568 4.45 22.40 32.71
CA PRO A 568 4.08 21.58 33.86
C PRO A 568 4.63 20.15 33.66
N PHE A 569 5.02 19.53 34.75
CA PHE A 569 5.35 18.12 34.74
C PHE A 569 4.18 17.31 34.19
N THR A 570 4.44 16.31 33.35
CA THR A 570 3.40 15.33 33.08
C THR A 570 4.03 13.97 32.85
N SER A 571 3.16 12.95 32.73
CA SER A 571 3.51 11.52 32.59
CA SER A 571 3.51 11.53 32.56
C SER A 571 2.18 10.82 32.37
N PHE A 572 2.24 9.57 31.90
CA PHE A 572 1.05 8.74 31.72
C PHE A 572 0.70 8.00 33.02
N ASN A 573 1.46 8.21 34.09
CA ASN A 573 1.00 7.59 35.34
C ASN A 573 0.92 8.61 36.48
N VAL A 574 -0.11 8.45 37.31
CA VAL A 574 -0.23 8.68 38.79
C VAL A 574 -1.54 9.21 39.34
N HIS B 24 17.92 31.18 -7.71
CA HIS B 24 17.47 29.81 -8.12
C HIS B 24 17.80 28.70 -7.11
N HIS B 25 17.00 27.63 -7.12
CA HIS B 25 17.22 26.51 -6.20
C HIS B 25 18.68 26.05 -6.23
N PRO B 26 19.35 25.94 -5.04
CA PRO B 26 20.80 25.59 -5.10
C PRO B 26 21.05 24.14 -5.56
N CYS B 27 19.98 23.37 -5.66
CA CYS B 27 20.05 21.99 -6.17
C CYS B 27 19.91 21.85 -7.68
N CYS B 28 19.67 22.95 -8.40
CA CYS B 28 19.36 22.90 -9.83
C CYS B 28 20.39 22.12 -10.64
N SER B 29 21.66 22.18 -10.26
CA SER B 29 22.74 21.49 -11.02
C SER B 29 22.84 19.97 -10.72
N ASN B 30 21.98 19.49 -9.85
CA ASN B 30 21.96 18.07 -9.37
C ASN B 30 23.30 17.61 -8.83
N PRO B 31 23.78 18.28 -7.78
CA PRO B 31 25.15 18.04 -7.39
C PRO B 31 25.36 16.68 -6.72
N CYS B 32 24.28 16.11 -6.14
CA CYS B 32 24.42 14.94 -5.28
C CYS B 32 24.49 13.69 -6.12
N GLN B 33 25.60 12.98 -6.00
CA GLN B 33 25.82 11.77 -6.79
C GLN B 33 25.35 10.51 -6.05
N ASN B 34 25.17 9.43 -6.82
CA ASN B 34 25.05 8.08 -6.28
C ASN B 34 23.80 7.85 -5.38
N ARG B 35 22.66 8.36 -5.84
CA ARG B 35 21.40 8.34 -5.05
C ARG B 35 21.45 9.15 -3.75
N GLY B 36 22.43 10.02 -3.60
CA GLY B 36 22.42 10.96 -2.45
C GLY B 36 21.32 11.99 -2.72
N GLU B 37 20.75 12.59 -1.67
CA GLU B 37 19.63 13.49 -1.84
C GLU B 37 20.05 14.93 -1.55
N CYS B 38 19.55 15.86 -2.36
CA CYS B 38 19.95 17.22 -2.31
C CYS B 38 18.89 18.02 -1.58
N MET B 39 19.34 18.93 -0.72
CA MET B 39 18.42 19.76 0.10
C MET B 39 18.97 21.14 0.11
N SER B 40 18.15 22.17 -0.08
CA SER B 40 18.70 23.54 0.06
C SER B 40 18.99 23.81 1.57
N THR B 41 20.07 24.55 1.86
CA THR B 41 20.34 24.90 3.26
C THR B 41 20.58 26.41 3.34
N GLY B 42 19.78 27.24 2.68
CA GLY B 42 20.03 28.65 2.56
C GLY B 42 19.59 28.97 1.15
N PHE B 43 19.52 30.25 0.78
CA PHE B 43 19.23 30.66 -0.61
C PHE B 43 20.23 30.17 -1.64
N ASP B 44 21.49 30.04 -1.28
CA ASP B 44 22.37 29.52 -2.31
C ASP B 44 23.41 28.46 -1.90
N GLN B 45 23.07 27.64 -0.91
CA GLN B 45 23.92 26.52 -0.45
C GLN B 45 23.06 25.25 -0.41
N TYR B 46 23.67 24.11 -0.65
CA TYR B 46 22.93 22.86 -0.51
C TYR B 46 23.70 21.96 0.42
N LYS B 47 23.06 20.92 0.92
CA LYS B 47 23.74 19.79 1.58
C LYS B 47 23.22 18.49 0.90
N CYS B 48 24.12 17.50 0.71
CA CYS B 48 23.75 16.19 0.18
C CYS B 48 23.61 15.27 1.31
N ASP B 49 22.59 14.44 1.29
CA ASP B 49 22.38 13.46 2.32
C ASP B 49 22.81 12.12 1.68
N CYS B 50 23.94 11.61 2.16
CA CYS B 50 24.60 10.39 1.65
C CYS B 50 24.25 9.11 2.38
N THR B 51 23.30 9.17 3.31
CA THR B 51 22.78 7.95 3.99
C THR B 51 22.57 6.71 3.11
N ARG B 52 23.27 5.64 3.49
CA ARG B 52 23.15 4.30 2.92
C ARG B 52 23.47 4.25 1.43
N THR B 53 24.06 5.29 0.89
CA THR B 53 24.45 5.25 -0.52
C THR B 53 25.80 4.51 -0.72
N GLY B 54 26.54 4.26 0.34
CA GLY B 54 27.87 3.64 0.26
C GLY B 54 28.98 4.60 -0.11
N PHE B 55 28.65 5.90 -0.09
CA PHE B 55 29.55 7.02 -0.44
C PHE B 55 29.47 8.13 0.61
N TYR B 56 30.48 8.99 0.66
CA TYR B 56 30.35 10.17 1.51
C TYR B 56 31.11 11.29 0.82
N GLY B 57 31.28 12.40 1.52
CA GLY B 57 31.87 13.61 0.95
C GLY B 57 30.74 14.52 0.57
N GLU B 58 31.08 15.75 0.26
CA GLU B 58 30.08 16.80 0.04
C GLU B 58 28.98 16.45 -1.00
N ASN B 59 29.37 15.73 -2.04
CA ASN B 59 28.52 15.38 -3.19
C ASN B 59 28.27 13.88 -3.27
N CYS B 60 28.63 13.12 -2.22
CA CYS B 60 28.47 11.66 -2.16
C CYS B 60 29.25 10.95 -3.30
N THR B 61 30.53 11.32 -3.46
CA THR B 61 31.38 10.72 -4.50
C THR B 61 32.60 9.93 -3.92
N THR B 62 32.92 10.09 -2.64
CA THR B 62 33.98 9.28 -2.01
C THR B 62 33.37 7.93 -1.55
N PRO B 63 33.79 6.85 -2.23
CA PRO B 63 33.25 5.51 -1.98
C PRO B 63 33.78 5.04 -0.66
N GLU B 64 32.94 4.36 0.12
CA GLU B 64 33.49 3.58 1.25
C GLU B 64 34.35 2.42 0.75
N PHE B 65 35.30 1.96 1.57
CA PHE B 65 36.21 0.90 1.12
C PHE B 65 35.46 -0.28 0.45
N LEU B 66 34.43 -0.78 1.13
CA LEU B 66 33.73 -1.97 0.71
C LEU B 66 32.97 -1.73 -0.61
N THR B 67 32.47 -0.49 -0.78
CA THR B 67 31.89 -0.02 -2.04
C THR B 67 32.90 -0.09 -3.18
N ARG B 68 34.13 0.34 -2.91
CA ARG B 68 35.13 0.37 -3.94
C ARG B 68 35.32 -1.06 -4.40
N ILE B 69 35.30 -2.01 -3.45
CA ILE B 69 35.37 -3.44 -3.80
C ILE B 69 34.22 -3.91 -4.73
N LYS B 70 32.95 -3.68 -4.32
CA LYS B 70 31.81 -3.91 -5.22
C LYS B 70 32.02 -3.26 -6.60
N LEU B 71 32.45 -2.00 -6.65
CA LEU B 71 32.55 -1.34 -7.94
C LEU B 71 33.53 -1.97 -8.92
N LEU B 72 34.65 -2.49 -8.43
CA LEU B 72 35.57 -3.10 -9.36
C LEU B 72 35.17 -4.55 -9.70
N LEU B 73 34.32 -5.19 -8.89
CA LEU B 73 33.78 -6.53 -9.20
C LEU B 73 32.39 -6.55 -9.90
N LYS B 74 31.69 -5.40 -9.95
CA LYS B 74 30.42 -5.32 -10.67
C LYS B 74 30.62 -5.43 -12.20
N PRO B 75 30.08 -6.48 -12.86
CA PRO B 75 30.15 -6.43 -14.34
C PRO B 75 29.21 -5.31 -14.89
N THR B 76 29.51 -4.78 -16.08
CA THR B 76 28.62 -3.79 -16.68
C THR B 76 27.33 -4.46 -17.22
N PRO B 77 26.23 -3.67 -17.34
CA PRO B 77 25.01 -4.26 -17.91
C PRO B 77 25.23 -4.88 -19.31
N ASN B 78 26.08 -4.26 -20.13
CA ASN B 78 26.41 -4.81 -21.47
C ASN B 78 27.12 -6.16 -21.46
N THR B 79 28.00 -6.35 -20.49
CA THR B 79 28.61 -7.66 -20.23
C THR B 79 27.55 -8.68 -19.84
N VAL B 80 26.73 -8.35 -18.84
CA VAL B 80 25.65 -9.28 -18.43
C VAL B 80 24.77 -9.68 -19.62
N HIS B 81 24.51 -8.73 -20.51
CA HIS B 81 23.65 -8.94 -21.66
C HIS B 81 24.33 -9.92 -22.58
N TYR B 82 25.62 -9.67 -22.84
CA TYR B 82 26.38 -10.60 -23.69
C TYR B 82 26.27 -12.06 -23.18
N ILE B 83 26.56 -12.25 -21.90
CA ILE B 83 26.54 -13.57 -21.26
C ILE B 83 25.18 -14.27 -21.41
N LEU B 84 24.13 -13.54 -21.09
CA LEU B 84 22.78 -14.06 -21.16
C LEU B 84 22.32 -14.30 -22.62
N THR B 85 22.99 -13.68 -23.60
CA THR B 85 22.57 -13.91 -25.02
C THR B 85 23.54 -14.76 -25.82
N HIS B 86 24.52 -15.38 -25.14
CA HIS B 86 25.41 -16.32 -25.84
C HIS B 86 25.47 -17.56 -24.99
N PHE B 87 26.28 -18.51 -25.41
CA PHE B 87 26.45 -19.79 -24.74
C PHE B 87 25.14 -20.49 -24.61
N LYS B 88 24.40 -20.52 -25.72
CA LYS B 88 23.08 -21.16 -25.77
C LYS B 88 23.15 -22.55 -25.15
N GLY B 89 24.26 -23.25 -25.41
CA GLY B 89 24.43 -24.61 -24.94
C GLY B 89 24.52 -24.73 -23.43
N VAL B 90 25.32 -23.88 -22.82
CA VAL B 90 25.37 -23.82 -21.36
C VAL B 90 23.99 -23.46 -20.74
N TRP B 91 23.33 -22.42 -21.26
CA TRP B 91 22.02 -22.04 -20.71
C TRP B 91 21.02 -23.19 -20.77
N ASN B 92 21.17 -24.04 -21.78
CA ASN B 92 20.29 -25.17 -21.99
C ASN B 92 20.41 -26.19 -20.86
N ILE B 93 21.64 -26.40 -20.42
CA ILE B 93 21.87 -27.16 -19.24
C ILE B 93 21.33 -26.41 -18.04
N VAL B 94 21.74 -25.14 -17.87
CA VAL B 94 21.27 -24.31 -16.74
C VAL B 94 19.74 -24.43 -16.63
N ASN B 95 19.04 -24.27 -17.76
CA ASN B 95 17.59 -24.27 -17.77
C ASN B 95 17.00 -25.59 -17.33
N ASN B 96 17.78 -26.67 -17.35
CA ASN B 96 17.30 -27.97 -16.90
C ASN B 96 17.69 -28.38 -15.49
N ILE B 97 18.27 -27.49 -14.70
CA ILE B 97 18.57 -27.80 -13.32
C ILE B 97 17.67 -26.85 -12.52
N PRO B 98 16.50 -27.34 -12.06
CA PRO B 98 15.60 -26.43 -11.32
C PRO B 98 16.33 -25.65 -10.22
N PHE B 99 17.16 -26.34 -9.44
CA PHE B 99 17.95 -25.68 -8.43
C PHE B 99 18.69 -24.45 -8.99
N LEU B 100 19.41 -24.65 -10.11
CA LEU B 100 20.17 -23.56 -10.73
C LEU B 100 19.31 -22.44 -11.38
N ARG B 101 18.29 -22.85 -12.14
CA ARG B 101 17.35 -21.89 -12.72
C ARG B 101 16.76 -20.95 -11.67
N SER B 102 16.42 -21.51 -10.51
CA SER B 102 15.85 -20.71 -9.40
C SER B 102 16.83 -19.67 -8.86
N LEU B 103 18.06 -20.12 -8.63
CA LEU B 103 19.12 -19.26 -8.11
C LEU B 103 19.33 -18.04 -8.99
N ILE B 104 19.48 -18.30 -10.27
CA ILE B 104 19.60 -17.24 -11.26
C ILE B 104 18.33 -16.34 -11.33
N MET B 105 17.16 -16.97 -11.45
CA MET B 105 15.92 -16.14 -11.49
C MET B 105 15.76 -15.24 -10.24
N LYS B 106 16.08 -15.78 -9.06
CA LYS B 106 16.07 -15.01 -7.81
C LYS B 106 16.96 -13.75 -7.86
N TYR B 107 18.15 -13.88 -8.42
CA TYR B 107 19.12 -12.78 -8.50
C TYR B 107 18.66 -11.69 -9.51
N VAL B 108 18.09 -12.12 -10.65
CA VAL B 108 17.41 -11.22 -11.58
C VAL B 108 16.36 -10.36 -10.84
N LEU B 109 15.48 -11.01 -10.07
CA LEU B 109 14.46 -10.28 -9.28
C LEU B 109 14.99 -9.27 -8.25
N THR B 110 15.94 -9.73 -7.41
CA THR B 110 16.46 -8.92 -6.28
C THR B 110 17.24 -7.69 -6.72
N SER B 111 18.34 -7.91 -7.45
CA SER B 111 19.06 -6.81 -8.12
C SER B 111 18.17 -5.80 -8.89
N ARG B 112 17.24 -6.24 -9.73
CA ARG B 112 16.41 -5.25 -10.43
C ARG B 112 15.54 -4.41 -9.44
N SER B 113 14.94 -5.07 -8.45
CA SER B 113 13.95 -4.36 -7.63
C SER B 113 14.55 -3.32 -6.69
N TYR B 114 15.77 -3.58 -6.21
CA TYR B 114 16.50 -2.64 -5.37
C TYR B 114 16.61 -1.19 -5.93
N LEU B 115 16.56 -1.06 -7.25
CA LEU B 115 16.55 0.25 -7.89
C LEU B 115 15.26 1.09 -7.72
N ILE B 116 14.16 0.51 -7.22
CA ILE B 116 12.89 1.24 -7.18
C ILE B 116 12.64 1.71 -5.75
N ASP B 117 12.28 2.97 -5.52
CA ASP B 117 11.88 3.40 -4.16
C ASP B 117 10.51 2.80 -3.78
N SER B 118 10.42 2.08 -2.66
CA SER B 118 9.18 1.44 -2.30
C SER B 118 9.17 1.27 -0.77
N PRO B 119 8.30 1.98 -0.04
CA PRO B 119 7.28 2.93 -0.49
C PRO B 119 7.84 4.06 -1.37
N PRO B 120 7.01 4.56 -2.28
CA PRO B 120 7.41 5.55 -3.28
C PRO B 120 7.65 6.95 -2.62
N THR B 121 8.26 7.86 -3.41
CA THR B 121 8.81 9.10 -2.88
C THR B 121 8.20 10.27 -3.66
N TYR B 122 8.87 10.72 -4.71
CA TYR B 122 8.63 11.97 -5.45
C TYR B 122 7.45 11.91 -6.41
N ASN B 123 6.91 13.09 -6.77
CA ASN B 123 5.98 13.15 -7.90
C ASN B 123 6.10 14.50 -8.62
N VAL B 124 5.34 14.75 -9.70
CA VAL B 124 5.53 15.98 -10.46
C VAL B 124 5.41 17.24 -9.58
N HIS B 125 4.63 17.21 -8.50
CA HIS B 125 4.51 18.38 -7.65
C HIS B 125 5.45 18.41 -6.45
N TYR B 126 6.15 17.29 -6.13
CA TYR B 126 6.93 17.16 -4.90
C TYR B 126 8.33 16.59 -5.24
N GLY B 127 9.33 17.50 -5.29
CA GLY B 127 10.73 17.19 -5.41
C GLY B 127 11.37 16.90 -4.05
N TYR B 128 10.57 16.88 -2.97
CA TYR B 128 11.02 16.39 -1.64
C TYR B 128 9.90 15.42 -1.20
N LYS B 129 10.19 14.47 -0.28
CA LYS B 129 9.21 13.56 0.31
C LYS B 129 8.19 14.31 1.09
N SER B 130 6.91 13.98 0.88
CA SER B 130 5.84 14.61 1.65
C SER B 130 4.75 13.56 1.84
N TRP B 131 3.85 13.76 2.83
CA TRP B 131 2.73 12.83 2.98
C TRP B 131 1.76 12.90 1.78
N GLU B 132 1.66 14.11 1.21
CA GLU B 132 0.82 14.30 0.04
C GLU B 132 1.27 13.36 -1.08
N ALA B 133 2.59 13.28 -1.32
CA ALA B 133 3.15 12.53 -2.43
C ALA B 133 3.02 11.04 -2.10
N PHE B 134 3.32 10.67 -0.85
CA PHE B 134 3.09 9.26 -0.44
C PHE B 134 1.62 8.81 -0.58
N SER B 135 0.66 9.63 -0.11
CA SER B 135 -0.70 9.13 0.14
C SER B 135 -1.66 9.36 -1.06
N ASN B 136 -1.32 10.28 -1.97
CA ASN B 136 -2.23 10.58 -3.02
C ASN B 136 -1.99 9.70 -4.25
N LEU B 137 -2.87 8.69 -4.42
CA LEU B 137 -2.81 7.70 -5.50
C LEU B 137 -3.09 8.27 -6.91
N SER B 138 -3.64 9.47 -6.99
CA SER B 138 -3.90 10.05 -8.32
C SER B 138 -2.65 10.42 -9.06
N TYR B 139 -1.50 10.54 -8.38
CA TYR B 139 -0.26 10.90 -9.09
C TYR B 139 0.44 9.65 -9.54
N TYR B 140 1.09 9.69 -10.69
CA TYR B 140 2.20 8.76 -10.98
C TYR B 140 3.35 9.18 -10.03
N THR B 141 4.16 8.24 -9.57
CA THR B 141 5.29 8.56 -8.77
C THR B 141 6.40 8.94 -9.74
N ARG B 142 7.52 9.37 -9.20
CA ARG B 142 8.67 9.81 -9.99
C ARG B 142 9.98 9.19 -9.48
N ALA B 143 10.72 8.55 -10.36
CA ALA B 143 11.97 7.93 -10.04
C ALA B 143 13.04 8.98 -9.81
N LEU B 144 12.96 10.10 -10.54
CA LEU B 144 13.75 11.30 -10.20
C LEU B 144 12.82 12.48 -10.00
N PRO B 145 13.14 13.35 -9.00
CA PRO B 145 12.30 14.53 -8.71
C PRO B 145 12.25 15.50 -9.90
N PRO B 146 11.18 16.30 -10.02
CA PRO B 146 11.28 17.28 -11.12
C PRO B 146 12.39 18.34 -10.93
N VAL B 147 12.86 18.89 -12.06
CA VAL B 147 13.73 20.04 -12.09
C VAL B 147 12.94 21.22 -11.47
N ALA B 148 13.53 21.96 -10.50
CA ALA B 148 12.79 22.97 -9.73
C ALA B 148 12.32 24.08 -10.70
N ASP B 149 11.19 24.73 -10.38
CA ASP B 149 10.57 25.72 -11.32
C ASP B 149 11.52 26.88 -11.65
N ASP B 150 12.41 27.22 -10.75
CA ASP B 150 13.16 28.42 -11.01
C ASP B 150 14.54 28.17 -11.55
N CYS B 151 14.88 26.93 -11.90
CA CYS B 151 16.20 26.68 -12.49
C CYS B 151 16.49 27.55 -13.76
N PRO B 152 17.76 27.96 -13.97
CA PRO B 152 18.12 28.81 -15.12
C PRO B 152 17.98 28.19 -16.52
N THR B 153 18.15 26.86 -16.62
CA THR B 153 17.90 26.12 -17.88
C THR B 153 16.91 24.97 -17.68
N PRO B 154 16.32 24.48 -18.79
CA PRO B 154 15.32 23.47 -18.62
C PRO B 154 15.84 22.23 -17.87
N MET B 155 17.10 21.84 -18.06
CA MET B 155 17.67 20.67 -17.37
C MET B 155 18.30 20.98 -16.03
N GLY B 156 18.36 22.25 -15.66
CA GLY B 156 18.94 22.61 -14.37
C GLY B 156 19.83 23.83 -14.52
N VAL B 157 21.10 23.61 -14.83
CA VAL B 157 21.98 24.76 -15.12
C VAL B 157 22.66 24.59 -16.48
N LYS B 158 22.73 23.37 -17.02
CA LYS B 158 23.43 23.13 -18.30
C LYS B 158 22.55 23.35 -19.52
N GLY B 159 23.18 23.58 -20.68
CA GLY B 159 22.47 23.76 -21.94
C GLY B 159 21.97 25.17 -22.14
N ASN B 160 21.26 25.41 -23.24
CA ASN B 160 20.70 26.72 -23.55
C ASN B 160 19.50 27.02 -22.69
N LYS B 161 19.08 28.28 -22.69
CA LYS B 161 17.83 28.72 -22.03
C LYS B 161 16.60 27.96 -22.48
N GLU B 162 16.56 27.58 -23.74
CA GLU B 162 15.49 26.73 -24.22
C GLU B 162 15.98 25.44 -24.83
N LEU B 163 15.18 24.40 -24.72
CA LEU B 163 15.43 23.14 -25.37
C LEU B 163 15.06 23.31 -26.84
N PRO B 164 15.64 22.47 -27.74
CA PRO B 164 15.32 22.53 -29.17
C PRO B 164 13.82 22.33 -29.37
N ASP B 165 13.23 23.05 -30.33
CA ASP B 165 11.86 22.82 -30.75
C ASP B 165 11.62 21.29 -30.87
N SER B 166 10.57 20.79 -30.24
CA SER B 166 10.33 19.37 -30.24
C SER B 166 9.95 18.89 -31.66
N LYS B 167 9.32 19.75 -32.47
CA LYS B 167 9.00 19.40 -33.90
C LYS B 167 10.29 19.10 -34.68
N GLU B 168 11.35 19.85 -34.39
CA GLU B 168 12.66 19.60 -35.01
C GLU B 168 13.26 18.24 -34.57
N VAL B 169 13.18 17.95 -33.28
CA VAL B 169 13.72 16.69 -32.79
C VAL B 169 12.98 15.52 -33.45
N LEU B 170 11.65 15.60 -33.42
CA LEU B 170 10.76 14.59 -33.98
C LEU B 170 11.11 14.37 -35.47
N GLU B 171 11.16 15.45 -36.24
CA GLU B 171 11.32 15.36 -37.71
C GLU B 171 12.72 14.88 -38.11
N LYS B 172 13.72 15.42 -37.42
CA LYS B 172 15.09 15.06 -37.78
C LYS B 172 15.47 13.62 -37.39
N VAL B 173 15.10 13.12 -36.21
CA VAL B 173 15.66 11.85 -35.77
C VAL B 173 14.64 10.78 -35.36
N LEU B 174 13.35 11.13 -35.30
CA LEU B 174 12.33 10.18 -34.85
C LEU B 174 11.42 9.64 -35.95
N LEU B 175 11.01 10.47 -36.90
CA LEU B 175 10.00 10.04 -37.87
C LEU B 175 10.52 8.97 -38.84
N ARG B 176 9.74 7.89 -39.00
CA ARG B 176 10.00 6.79 -39.98
C ARG B 176 10.22 7.29 -41.43
N ARG B 177 11.38 7.00 -42.00
CA ARG B 177 11.49 7.05 -43.48
C ARG B 177 11.08 5.66 -44.06
N GLU B 178 12.00 4.74 -44.23
CA GLU B 178 11.57 3.37 -44.48
C GLU B 178 11.23 2.67 -43.18
N PHE B 179 10.23 1.80 -43.22
CA PHE B 179 9.92 0.90 -42.11
C PHE B 179 11.15 0.06 -41.74
N ILE B 180 11.54 0.09 -40.45
CA ILE B 180 12.63 -0.72 -39.93
C ILE B 180 12.00 -1.85 -39.06
N PRO B 181 12.07 -3.10 -39.55
CA PRO B 181 11.50 -4.22 -38.81
C PRO B 181 12.32 -4.53 -37.59
N ASP B 182 11.66 -5.09 -36.57
CA ASP B 182 12.35 -5.48 -35.38
C ASP B 182 13.19 -6.71 -35.75
N PRO B 183 14.54 -6.63 -35.60
CA PRO B 183 15.42 -7.79 -35.87
C PRO B 183 15.14 -8.95 -34.89
N GLN B 184 14.51 -8.68 -33.73
CA GLN B 184 14.16 -9.76 -32.78
C GLN B 184 12.89 -10.48 -33.18
N GLY B 185 12.22 -10.04 -34.24
CA GLY B 185 11.06 -10.76 -34.79
C GLY B 185 9.73 -10.55 -34.06
N SER B 186 9.63 -9.51 -33.22
CA SER B 186 8.38 -9.17 -32.51
C SER B 186 7.27 -9.02 -33.55
N ASN B 187 6.11 -9.60 -33.26
CA ASN B 187 4.95 -9.54 -34.16
C ASN B 187 3.85 -8.60 -33.65
N MET B 188 2.71 -8.64 -34.33
CA MET B 188 1.60 -7.78 -33.96
C MET B 188 0.83 -8.36 -32.76
N MET B 189 0.98 -9.67 -32.50
CA MET B 189 0.38 -10.25 -31.32
C MET B 189 1.08 -9.59 -30.14
N PHE B 190 2.39 -9.41 -30.28
CA PHE B 190 3.19 -8.81 -29.22
C PHE B 190 2.88 -7.29 -29.04
N ALA B 191 2.86 -6.54 -30.15
CA ALA B 191 2.57 -5.07 -30.11
C ALA B 191 1.22 -4.78 -29.45
N PHE B 192 0.20 -5.57 -29.82
CA PHE B 192 -1.10 -5.43 -29.23
C PHE B 192 -1.15 -5.96 -27.82
N PHE B 193 -0.31 -6.96 -27.52
CA PHE B 193 -0.36 -7.42 -26.17
C PHE B 193 0.22 -6.33 -25.26
N ALA B 194 1.32 -5.72 -25.70
CA ALA B 194 1.95 -4.67 -24.95
C ALA B 194 0.99 -3.52 -24.72
N GLN B 195 0.26 -3.15 -25.77
CA GLN B 195 -0.66 -2.02 -25.68
C GLN B 195 -1.82 -2.35 -24.74
N HIS B 196 -2.44 -3.52 -24.88
CA HIS B 196 -3.59 -3.91 -24.05
C HIS B 196 -3.12 -4.05 -22.57
N PHE B 197 -2.04 -4.78 -22.35
CA PHE B 197 -1.56 -5.03 -20.98
C PHE B 197 -1.14 -3.75 -20.28
N THR B 198 -0.29 -2.91 -20.88
CA THR B 198 0.17 -1.73 -20.20
C THR B 198 -0.94 -0.67 -19.96
N HIS B 199 -2.01 -0.73 -20.73
CA HIS B 199 -3.10 0.26 -20.61
C HIS B 199 -4.04 0.02 -19.42
N GLN B 200 -3.81 -1.04 -18.66
CA GLN B 200 -4.44 -1.08 -17.32
C GLN B 200 -3.77 -0.18 -16.27
N PHE B 201 -2.47 0.14 -16.45
CA PHE B 201 -1.73 0.85 -15.43
C PHE B 201 -1.17 2.18 -15.92
N PHE B 202 -1.18 2.43 -17.24
CA PHE B 202 -0.94 3.75 -17.79
C PHE B 202 -2.29 4.29 -18.29
N LYS B 203 -2.93 5.17 -17.51
CA LYS B 203 -4.26 5.67 -17.77
C LYS B 203 -4.23 7.14 -17.39
N THR B 204 -3.55 7.91 -18.21
CA THR B 204 -3.33 9.33 -17.89
C THR B 204 -4.70 10.05 -17.64
N ASP B 205 -4.77 10.81 -16.58
CA ASP B 205 -5.96 11.54 -16.24
C ASP B 205 -5.76 12.93 -16.85
N HIS B 206 -6.14 13.09 -18.13
CA HIS B 206 -6.00 14.41 -18.83
C HIS B 206 -6.77 15.62 -18.28
N LYS B 207 -7.87 15.41 -17.58
CA LYS B 207 -8.47 16.49 -16.81
C LYS B 207 -7.39 17.07 -15.85
N ARG B 208 -6.54 16.25 -15.26
CA ARG B 208 -5.59 16.76 -14.26
C ARG B 208 -4.21 17.09 -14.82
N GLY B 209 -3.72 16.31 -15.78
CA GLY B 209 -2.43 16.67 -16.42
C GLY B 209 -1.67 15.42 -16.59
N PRO B 210 -0.54 15.49 -17.31
CA PRO B 210 0.21 14.26 -17.67
C PRO B 210 0.87 13.48 -16.48
N GLY B 211 1.04 14.16 -15.33
CA GLY B 211 1.63 13.55 -14.12
C GLY B 211 0.65 12.80 -13.21
N PHE B 212 -0.59 12.68 -13.67
CA PHE B 212 -1.72 12.04 -12.95
C PHE B 212 -2.25 10.84 -13.71
N THR B 213 -2.68 9.84 -12.94
CA THR B 213 -3.28 8.65 -13.45
C THR B 213 -4.69 8.39 -12.89
N ARG B 214 -5.45 7.63 -13.67
CA ARG B 214 -6.78 7.12 -13.27
C ARG B 214 -6.63 5.69 -12.84
N GLY B 215 -5.45 5.07 -13.02
CA GLY B 215 -5.27 3.68 -12.59
C GLY B 215 -4.86 3.61 -11.08
N LEU B 216 -5.81 3.76 -10.15
CA LEU B 216 -5.47 3.96 -8.74
C LEU B 216 -4.98 2.65 -8.09
N GLY B 217 -5.16 1.52 -8.73
CA GLY B 217 -4.59 0.25 -8.23
C GLY B 217 -3.11 0.15 -8.53
N HIS B 218 -2.62 1.00 -9.42
CA HIS B 218 -1.17 1.12 -9.65
C HIS B 218 -0.46 -0.22 -10.00
N GLY B 219 -1.07 -1.03 -10.89
CA GLY B 219 -0.46 -2.27 -11.32
C GLY B 219 -1.40 -3.26 -12.00
N VAL B 220 -1.10 -4.53 -11.84
CA VAL B 220 -1.80 -5.62 -12.52
C VAL B 220 -3.06 -6.06 -11.76
N ASP B 221 -4.11 -5.25 -11.84
CA ASP B 221 -5.35 -5.61 -11.14
C ASP B 221 -6.41 -5.99 -12.15
N LEU B 222 -6.04 -5.95 -13.41
CA LEU B 222 -7.02 -6.25 -14.56
C LEU B 222 -8.21 -5.36 -14.61
N ASN B 223 -8.04 -4.12 -14.14
CA ASN B 223 -9.14 -3.13 -14.30
C ASN B 223 -9.54 -2.94 -15.81
N HIS B 224 -8.60 -3.16 -16.74
CA HIS B 224 -8.91 -3.00 -18.19
C HIS B 224 -9.92 -4.10 -18.69
N ILE B 225 -10.12 -5.11 -17.83
CA ILE B 225 -11.13 -6.12 -18.08
C ILE B 225 -12.37 -5.91 -17.22
N TYR B 226 -12.14 -5.63 -15.93
CA TYR B 226 -13.24 -5.65 -14.98
C TYR B 226 -13.77 -4.24 -14.64
N GLY B 227 -13.07 -3.18 -15.07
CA GLY B 227 -13.56 -1.78 -14.77
C GLY B 227 -12.76 -1.20 -13.55
N GLU B 228 -12.50 0.12 -13.57
CA GLU B 228 -11.68 0.74 -12.46
C GLU B 228 -12.52 0.82 -11.15
N THR B 229 -13.84 0.95 -11.27
CA THR B 229 -14.68 1.16 -10.07
C THR B 229 -15.70 0.03 -10.00
N LEU B 230 -16.25 -0.13 -8.78
CA LEU B 230 -17.20 -1.15 -8.46
C LEU B 230 -18.48 -1.02 -9.32
N ASP B 231 -18.95 0.20 -9.49
CA ASP B 231 -20.09 0.48 -10.32
C ASP B 231 -19.91 -0.03 -11.78
N ARG B 232 -18.74 0.22 -12.40
CA ARG B 232 -18.52 -0.21 -13.79
C ARG B 232 -18.45 -1.76 -13.82
N GLN B 233 -17.79 -2.32 -12.82
CA GLN B 233 -17.67 -3.81 -12.70
C GLN B 233 -19.04 -4.47 -12.65
N HIS B 234 -19.92 -3.89 -11.82
CA HIS B 234 -21.27 -4.43 -11.63
C HIS B 234 -22.11 -4.33 -12.90
N LYS B 235 -21.91 -3.30 -13.70
CA LYS B 235 -22.60 -3.23 -15.02
C LYS B 235 -22.05 -4.19 -16.06
N LEU B 236 -20.78 -4.56 -15.92
CA LEU B 236 -20.17 -5.49 -16.83
C LEU B 236 -20.47 -6.96 -16.44
N ARG B 237 -20.87 -7.21 -15.18
CA ARG B 237 -21.00 -8.59 -14.72
C ARG B 237 -22.42 -9.12 -15.03
N LEU B 238 -22.48 -10.41 -15.32
CA LEU B 238 -23.76 -11.09 -15.51
C LEU B 238 -24.45 -11.44 -14.19
N PHE B 239 -23.71 -11.59 -13.06
CA PHE B 239 -24.36 -12.00 -11.79
C PHE B 239 -24.92 -13.40 -11.81
N LYS B 240 -24.45 -14.21 -12.77
CA LYS B 240 -24.74 -15.61 -12.76
C LYS B 240 -23.44 -16.31 -13.10
N ASP B 241 -23.15 -17.38 -12.34
CA ASP B 241 -21.99 -18.23 -12.56
C ASP B 241 -20.61 -17.52 -12.43
N GLY B 242 -20.60 -16.32 -11.85
CA GLY B 242 -19.36 -15.52 -11.66
C GLY B 242 -18.99 -14.77 -12.96
N LYS B 243 -19.82 -14.93 -14.00
CA LYS B 243 -19.51 -14.45 -15.35
C LYS B 243 -19.59 -12.95 -15.63
N LEU B 244 -18.91 -12.58 -16.70
CA LEU B 244 -19.05 -11.28 -17.38
C LEU B 244 -20.15 -11.38 -18.43
N LYS B 245 -20.94 -10.32 -18.58
CA LYS B 245 -21.89 -10.24 -19.69
C LYS B 245 -21.19 -10.33 -21.03
N TYR B 246 -21.95 -10.72 -22.04
CA TYR B 246 -21.35 -10.92 -23.38
C TYR B 246 -22.51 -10.96 -24.36
N GLN B 247 -22.23 -10.92 -25.66
CA GLN B 247 -23.28 -11.16 -26.70
C GLN B 247 -22.71 -12.26 -27.60
N VAL B 248 -23.58 -12.93 -28.34
CA VAL B 248 -23.21 -13.94 -29.35
C VAL B 248 -23.47 -13.40 -30.76
N ILE B 249 -22.41 -13.16 -31.54
CA ILE B 249 -22.55 -12.77 -32.94
C ILE B 249 -22.00 -13.91 -33.88
N GLY B 250 -22.87 -14.52 -34.68
CA GLY B 250 -22.51 -15.57 -35.65
C GLY B 250 -21.92 -16.76 -34.89
N GLY B 251 -22.51 -17.06 -33.71
CA GLY B 251 -22.10 -18.16 -32.93
C GLY B 251 -20.81 -17.82 -32.14
N GLU B 252 -20.25 -16.61 -32.28
CA GLU B 252 -19.00 -16.22 -31.55
C GLU B 252 -19.30 -15.35 -30.32
N VAL B 253 -18.58 -15.53 -29.24
CA VAL B 253 -18.76 -14.66 -28.04
C VAL B 253 -17.97 -13.37 -28.14
N TYR B 254 -18.66 -12.23 -27.95
CA TYR B 254 -17.99 -10.93 -27.92
C TYR B 254 -18.46 -10.12 -26.71
N PRO B 255 -17.77 -9.02 -26.39
CA PRO B 255 -18.26 -8.14 -25.30
C PRO B 255 -19.66 -7.63 -25.60
N PRO B 256 -20.42 -7.33 -24.53
CA PRO B 256 -21.73 -6.72 -24.71
C PRO B 256 -21.57 -5.26 -25.21
N THR B 257 -22.66 -4.64 -25.53
CA THR B 257 -22.62 -3.24 -25.95
C THR B 257 -22.79 -2.24 -24.81
N VAL B 258 -22.39 -1.01 -25.11
CA VAL B 258 -22.70 0.18 -24.32
C VAL B 258 -24.19 0.30 -24.01
N LYS B 259 -25.03 0.13 -25.02
CA LYS B 259 -26.46 0.26 -24.83
C LYS B 259 -27.00 -0.74 -23.84
N ASP B 260 -26.57 -2.00 -23.96
CA ASP B 260 -27.02 -3.07 -23.05
C ASP B 260 -26.55 -2.80 -21.62
N THR B 261 -25.26 -2.47 -21.45
CA THR B 261 -24.64 -2.37 -20.16
C THR B 261 -24.71 -0.97 -19.50
N GLN B 262 -24.87 0.13 -20.26
CA GLN B 262 -24.71 1.51 -19.73
C GLN B 262 -23.30 1.81 -19.35
N VAL B 263 -22.34 1.03 -19.86
CA VAL B 263 -20.94 1.29 -19.51
C VAL B 263 -20.44 2.34 -20.49
N GLU B 264 -19.99 3.47 -19.97
CA GLU B 264 -19.40 4.49 -20.86
C GLU B 264 -18.14 4.02 -21.54
N MET B 265 -18.04 4.27 -22.85
CA MET B 265 -16.86 3.98 -23.67
C MET B 265 -16.54 5.25 -24.49
N ILE B 266 -15.26 5.41 -24.89
CA ILE B 266 -14.86 6.45 -25.81
C ILE B 266 -15.00 5.92 -27.22
N TYR B 267 -15.97 6.49 -27.94
CA TYR B 267 -16.19 6.21 -29.39
C TYR B 267 -16.47 7.53 -30.14
N PRO B 268 -15.92 7.71 -31.33
CA PRO B 268 -16.44 8.88 -32.00
C PRO B 268 -17.95 8.64 -32.35
N PRO B 269 -18.73 9.74 -32.49
CA PRO B 269 -20.19 9.72 -32.61
C PRO B 269 -20.71 8.96 -33.83
N HIS B 270 -19.89 8.75 -34.85
CA HIS B 270 -20.34 7.94 -36.01
C HIS B 270 -20.38 6.40 -35.78
N ILE B 271 -19.88 5.92 -34.64
CA ILE B 271 -19.88 4.47 -34.43
C ILE B 271 -21.31 3.95 -34.18
N PRO B 272 -21.76 2.99 -34.99
CA PRO B 272 -23.11 2.42 -34.72
C PRO B 272 -23.22 1.74 -33.36
N GLU B 273 -24.38 1.93 -32.70
CA GLU B 273 -24.72 1.32 -31.43
C GLU B 273 -24.28 -0.16 -31.33
N ASN B 274 -24.57 -0.99 -32.33
CA ASN B 274 -24.18 -2.42 -32.25
C ASN B 274 -22.64 -2.65 -32.28
N LEU B 275 -21.88 -1.63 -32.73
CA LEU B 275 -20.40 -1.69 -32.78
C LEU B 275 -19.72 -1.00 -31.59
N GLN B 276 -20.52 -0.52 -30.63
CA GLN B 276 -19.91 0.06 -29.44
C GLN B 276 -19.77 -1.01 -28.36
N PHE B 277 -18.79 -1.91 -28.51
CA PHE B 277 -18.51 -2.90 -27.47
C PHE B 277 -18.11 -2.24 -26.12
N ALA B 278 -18.60 -2.80 -25.02
CA ALA B 278 -18.20 -2.32 -23.67
C ALA B 278 -17.25 -3.27 -22.99
N VAL B 279 -16.07 -2.74 -22.62
CA VAL B 279 -15.08 -3.49 -21.85
C VAL B 279 -14.54 -2.70 -20.67
N GLY B 280 -13.71 -3.34 -19.86
CA GLY B 280 -13.25 -2.67 -18.64
C GLY B 280 -12.60 -1.33 -18.89
N GLN B 281 -11.74 -1.28 -19.90
CA GLN B 281 -11.04 -0.04 -20.25
C GLN B 281 -11.78 0.71 -21.34
N GLU B 282 -12.16 1.95 -21.07
CA GLU B 282 -13.01 2.62 -22.03
C GLU B 282 -12.33 3.09 -23.33
N VAL B 283 -10.99 3.07 -23.39
CA VAL B 283 -10.38 3.45 -24.68
C VAL B 283 -10.16 2.27 -25.60
N PHE B 284 -10.54 1.05 -25.20
CA PHE B 284 -10.14 -0.13 -25.97
C PHE B 284 -10.95 -0.35 -27.25
N GLY B 285 -12.03 0.39 -27.42
CA GLY B 285 -12.69 0.41 -28.73
C GLY B 285 -11.93 1.18 -29.82
N LEU B 286 -10.96 2.01 -29.45
CA LEU B 286 -10.03 2.72 -30.36
C LEU B 286 -9.41 1.82 -31.43
N VAL B 287 -9.06 0.56 -31.08
CA VAL B 287 -8.14 -0.21 -31.91
C VAL B 287 -8.66 -1.64 -31.93
N PRO B 288 -8.91 -2.24 -33.12
CA PRO B 288 -9.36 -3.64 -33.22
C PRO B 288 -8.32 -4.65 -32.63
N GLY B 289 -7.04 -4.38 -32.66
CA GLY B 289 -6.04 -5.23 -31.90
C GLY B 289 -6.27 -5.23 -30.39
N LEU B 290 -6.72 -4.09 -29.85
CA LEU B 290 -7.07 -3.99 -28.42
C LEU B 290 -8.39 -4.78 -28.14
N MET B 291 -9.37 -4.64 -29.04
CA MET B 291 -10.61 -5.42 -28.86
C MET B 291 -10.47 -6.94 -29.01
N MET B 292 -9.52 -7.38 -29.81
CA MET B 292 -9.17 -8.79 -29.98
C MET B 292 -8.76 -9.33 -28.60
N TYR B 293 -7.77 -8.69 -27.95
CA TYR B 293 -7.42 -9.04 -26.55
C TYR B 293 -8.52 -8.91 -25.52
N ALA B 294 -9.30 -7.83 -25.59
CA ALA B 294 -10.47 -7.70 -24.69
C ALA B 294 -11.45 -8.87 -24.77
N THR B 295 -11.71 -9.32 -25.99
CA THR B 295 -12.62 -10.44 -26.25
C THR B 295 -11.99 -11.77 -25.82
N ILE B 296 -10.72 -11.94 -26.13
CA ILE B 296 -9.98 -13.13 -25.61
C ILE B 296 -9.97 -13.24 -24.07
N TRP B 297 -9.64 -12.15 -23.39
CA TRP B 297 -9.68 -12.20 -21.92
C TRP B 297 -11.11 -12.37 -21.33
N LEU B 298 -12.12 -11.74 -21.92
CA LEU B 298 -13.48 -11.96 -21.44
C LEU B 298 -13.86 -13.46 -21.57
N ARG B 299 -13.55 -14.07 -22.71
CA ARG B 299 -13.73 -15.51 -22.82
C ARG B 299 -12.98 -16.27 -21.76
N GLU B 300 -11.74 -15.88 -21.51
CA GLU B 300 -10.92 -16.58 -20.51
C GLU B 300 -11.61 -16.51 -19.14
N HIS B 301 -12.09 -15.35 -18.76
CA HIS B 301 -12.74 -15.25 -17.44
C HIS B 301 -13.93 -16.20 -17.35
N ASN B 302 -14.73 -16.25 -18.40
CA ASN B 302 -15.94 -17.06 -18.35
C ASN B 302 -15.59 -18.57 -18.38
N ARG B 303 -14.52 -18.93 -19.08
CA ARG B 303 -14.01 -20.31 -19.15
C ARG B 303 -13.53 -20.70 -17.73
N VAL B 304 -12.81 -19.77 -17.06
CA VAL B 304 -12.38 -20.03 -15.66
C VAL B 304 -13.58 -20.22 -14.67
N CYS B 305 -14.60 -19.37 -14.78
CA CYS B 305 -15.84 -19.59 -14.05
C CYS B 305 -16.40 -20.97 -14.26
N ASP B 306 -16.41 -21.48 -15.53
CA ASP B 306 -16.95 -22.79 -15.81
C ASP B 306 -16.17 -23.88 -15.06
N ILE B 307 -14.85 -23.86 -15.15
CA ILE B 307 -14.00 -24.83 -14.45
C ILE B 307 -14.25 -24.71 -12.94
N LEU B 308 -14.25 -23.48 -12.39
CA LEU B 308 -14.50 -23.30 -10.96
C LEU B 308 -15.86 -23.86 -10.52
N LYS B 309 -16.91 -23.67 -11.33
CA LYS B 309 -18.25 -24.10 -10.95
C LYS B 309 -18.28 -25.65 -10.87
N GLN B 310 -17.57 -26.30 -11.80
CA GLN B 310 -17.35 -27.75 -11.77
C GLN B 310 -16.57 -28.18 -10.51
N GLU B 311 -15.51 -27.47 -10.10
CA GLU B 311 -14.85 -27.77 -8.88
C GLU B 311 -15.70 -27.46 -7.63
N HIS B 312 -16.51 -26.41 -7.70
CA HIS B 312 -17.23 -25.94 -6.53
C HIS B 312 -18.71 -25.74 -6.88
N PRO B 313 -19.47 -26.82 -6.98
CA PRO B 313 -20.90 -26.60 -7.26
C PRO B 313 -21.66 -25.87 -6.13
N GLU B 314 -21.07 -25.82 -4.94
CA GLU B 314 -21.63 -25.10 -3.82
C GLU B 314 -21.34 -23.61 -3.84
N TRP B 315 -20.44 -23.16 -4.72
CA TRP B 315 -20.10 -21.71 -4.65
C TRP B 315 -21.16 -20.81 -5.26
N GLY B 316 -21.29 -19.59 -4.74
CA GLY B 316 -22.10 -18.57 -5.42
C GLY B 316 -21.40 -17.72 -6.50
N ASP B 317 -22.17 -16.88 -7.10
CA ASP B 317 -21.69 -16.04 -8.16
C ASP B 317 -20.54 -15.11 -7.71
N GLU B 318 -20.69 -14.49 -6.56
CA GLU B 318 -19.70 -13.51 -6.15
C GLU B 318 -18.36 -14.21 -5.96
N GLN B 319 -18.33 -15.33 -5.28
CA GLN B 319 -17.05 -16.01 -5.12
C GLN B 319 -16.46 -16.60 -6.44
N LEU B 320 -17.31 -17.18 -7.31
CA LEU B 320 -16.85 -17.58 -8.64
C LEU B 320 -16.17 -16.37 -9.38
N PHE B 321 -16.83 -15.23 -9.34
CA PHE B 321 -16.32 -14.07 -10.03
C PHE B 321 -14.97 -13.65 -9.43
N GLN B 322 -14.87 -13.57 -8.09
CA GLN B 322 -13.65 -12.98 -7.49
C GLN B 322 -12.50 -13.91 -7.64
N THR B 323 -12.75 -15.22 -7.56
CA THR B 323 -11.71 -16.23 -7.67
C THR B 323 -11.22 -16.30 -9.08
N SER B 324 -12.13 -16.25 -10.07
CA SER B 324 -11.65 -16.16 -11.43
C SER B 324 -10.74 -14.94 -11.69
N ARG B 325 -11.12 -13.77 -11.17
CA ARG B 325 -10.32 -12.58 -11.32
C ARG B 325 -8.92 -12.80 -10.70
N LEU B 326 -8.81 -13.41 -9.54
CA LEU B 326 -7.48 -13.75 -9.01
C LEU B 326 -6.63 -14.69 -9.89
N ILE B 327 -7.33 -15.66 -10.48
CA ILE B 327 -6.70 -16.62 -11.38
C ILE B 327 -6.20 -15.86 -12.63
N LEU B 328 -7.04 -14.98 -13.19
CA LEU B 328 -6.63 -14.21 -14.36
C LEU B 328 -5.48 -13.25 -14.07
N ILE B 329 -5.49 -12.64 -12.90
CA ILE B 329 -4.29 -11.82 -12.49
C ILE B 329 -3.05 -12.71 -12.48
N GLY B 330 -3.12 -13.90 -11.89
CA GLY B 330 -1.94 -14.78 -11.90
C GLY B 330 -1.51 -15.24 -13.32
N GLU B 331 -2.49 -15.62 -14.15
CA GLU B 331 -2.22 -15.94 -15.52
C GLU B 331 -1.53 -14.81 -16.27
N THR B 332 -1.98 -13.57 -16.03
CA THR B 332 -1.39 -12.41 -16.69
C THR B 332 0.05 -12.23 -16.31
N ILE B 333 0.36 -12.26 -14.99
CA ILE B 333 1.73 -12.14 -14.53
C ILE B 333 2.61 -13.27 -15.14
N LYS B 334 2.06 -14.47 -15.17
CA LYS B 334 2.83 -15.62 -15.62
C LYS B 334 3.18 -15.43 -17.13
N ILE B 335 2.16 -15.13 -17.96
CA ILE B 335 2.41 -14.81 -19.38
C ILE B 335 3.39 -13.66 -19.60
N VAL B 336 3.23 -12.60 -18.82
CA VAL B 336 4.07 -11.45 -18.99
C VAL B 336 5.56 -11.82 -18.69
N ILE B 337 5.79 -12.64 -17.69
CA ILE B 337 7.16 -13.01 -17.36
C ILE B 337 7.71 -14.06 -18.37
N GLU B 338 6.97 -15.13 -18.60
CA GLU B 338 7.60 -16.30 -19.27
C GLU B 338 7.42 -16.28 -20.75
N ASP B 339 6.48 -15.44 -21.28
CA ASP B 339 6.35 -15.28 -22.76
C ASP B 339 6.83 -13.90 -23.20
N TYR B 340 6.24 -12.86 -22.60
CA TYR B 340 6.45 -11.47 -23.03
C TYR B 340 7.86 -10.91 -22.70
N VAL B 341 8.18 -10.82 -21.40
CA VAL B 341 9.53 -10.40 -21.01
C VAL B 341 10.56 -11.39 -21.61
N GLN B 342 10.27 -12.69 -21.54
CA GLN B 342 11.14 -13.65 -22.13
C GLN B 342 11.49 -13.26 -23.57
N HIS B 343 10.48 -13.00 -24.40
CA HIS B 343 10.71 -12.76 -25.79
C HIS B 343 11.52 -11.46 -25.96
N LEU B 344 11.15 -10.41 -25.24
CA LEU B 344 11.82 -9.10 -25.30
CA LEU B 344 11.81 -9.15 -25.39
C LEU B 344 13.28 -9.17 -24.90
N SER B 345 13.57 -10.01 -23.88
CA SER B 345 14.93 -10.13 -23.29
C SER B 345 16.00 -10.62 -24.32
N GLY B 346 15.56 -11.46 -25.25
CA GLY B 346 16.48 -12.26 -26.08
C GLY B 346 17.35 -13.24 -25.29
N TYR B 347 17.08 -13.44 -24.02
CA TYR B 347 17.93 -14.34 -23.20
C TYR B 347 17.82 -15.81 -23.60
N HIS B 348 18.89 -16.55 -23.42
CA HIS B 348 18.85 -18.02 -23.52
C HIS B 348 18.44 -18.65 -22.19
N PHE B 349 18.60 -17.90 -21.11
CA PHE B 349 18.09 -18.33 -19.83
C PHE B 349 16.52 -18.27 -19.86
N LYS B 350 15.90 -19.30 -19.32
CA LYS B 350 14.45 -19.38 -19.26
C LYS B 350 13.94 -18.70 -17.93
N LEU B 351 13.45 -17.47 -18.05
CA LEU B 351 12.85 -16.78 -16.89
C LEU B 351 11.68 -17.60 -16.34
N LYS B 352 11.37 -17.38 -15.08
CA LYS B 352 10.38 -18.17 -14.37
C LYS B 352 9.47 -17.25 -13.49
N PHE B 353 8.15 -17.43 -13.54
CA PHE B 353 7.26 -16.82 -12.56
C PHE B 353 7.14 -17.75 -11.36
N ASP B 354 7.80 -17.39 -10.26
CA ASP B 354 7.77 -18.21 -9.05
C ASP B 354 7.88 -17.30 -7.81
N PRO B 355 6.71 -16.89 -7.24
CA PRO B 355 6.68 -16.08 -6.03
C PRO B 355 7.50 -16.59 -4.85
N GLU B 356 7.65 -17.91 -4.71
CA GLU B 356 8.42 -18.50 -3.63
C GLU B 356 9.86 -18.07 -3.64
N LEU B 357 10.38 -17.66 -4.79
CA LEU B 357 11.81 -17.23 -4.87
C LEU B 357 12.08 -16.04 -4.02
N LEU B 358 11.04 -15.23 -3.74
CA LEU B 358 11.24 -14.10 -2.87
C LEU B 358 10.94 -14.31 -1.41
N PHE B 359 10.46 -15.49 -1.00
CA PHE B 359 9.95 -15.62 0.37
C PHE B 359 11.03 -15.54 1.45
N ASN B 360 12.31 -15.68 1.11
CA ASN B 360 13.30 -15.40 2.16
C ASN B 360 14.17 -14.21 1.79
N GLN B 361 13.63 -13.32 0.93
CA GLN B 361 14.31 -12.08 0.58
C GLN B 361 13.56 -10.90 1.21
N GLN B 362 14.19 -9.73 1.21
CA GLN B 362 13.52 -8.50 1.66
C GLN B 362 12.89 -7.96 0.39
N PHE B 363 11.57 -7.81 0.38
CA PHE B 363 10.85 -7.34 -0.79
C PHE B 363 9.53 -6.76 -0.36
N GLN B 364 9.15 -5.61 -0.94
CA GLN B 364 7.91 -4.95 -0.62
C GLN B 364 6.81 -5.36 -1.62
N TYR B 365 5.70 -5.97 -1.14
CA TYR B 365 4.59 -6.39 -2.01
C TYR B 365 3.69 -5.18 -2.18
N GLN B 366 4.14 -4.23 -2.97
CA GLN B 366 3.35 -3.02 -3.26
C GLN B 366 4.06 -2.36 -4.42
N ASN B 367 3.37 -1.51 -5.17
CA ASN B 367 3.95 -0.81 -6.30
C ASN B 367 3.22 0.53 -6.49
N ARG B 368 3.95 1.53 -6.99
CA ARG B 368 3.29 2.76 -7.45
C ARG B 368 3.83 3.01 -8.87
N ILE B 369 2.95 3.22 -9.83
CA ILE B 369 3.39 3.40 -11.22
C ILE B 369 4.18 4.74 -11.40
N ALA B 370 5.38 4.67 -11.97
CA ALA B 370 6.24 5.82 -12.23
C ALA B 370 5.97 6.44 -13.58
N SER B 371 5.86 7.75 -13.54
CA SER B 371 5.74 8.52 -14.73
C SER B 371 6.78 8.13 -15.79
N GLU B 372 8.03 7.95 -15.40
CA GLU B 372 9.04 7.62 -16.38
C GLU B 372 8.86 6.22 -16.96
N PHE B 373 8.29 5.28 -16.17
CA PHE B 373 7.90 3.98 -16.73
C PHE B 373 6.83 4.13 -17.86
N ASN B 374 5.77 4.91 -17.63
CA ASN B 374 4.85 5.37 -18.73
C ASN B 374 5.61 5.96 -19.94
N THR B 375 6.54 6.87 -19.67
CA THR B 375 7.31 7.50 -20.79
C THR B 375 8.14 6.48 -21.59
N LEU B 376 8.84 5.60 -20.91
CA LEU B 376 9.68 4.74 -21.64
C LEU B 376 8.89 3.72 -22.45
N TYR B 377 7.57 3.57 -22.15
CA TYR B 377 6.73 2.55 -22.80
C TYR B 377 5.98 3.12 -23.98
N HIS B 378 6.32 4.37 -24.34
CA HIS B 378 5.73 4.96 -25.52
C HIS B 378 6.42 4.33 -26.77
N TRP B 379 6.08 3.04 -27.06
CA TRP B 379 6.79 2.26 -28.08
C TRP B 379 6.13 2.45 -29.45
N HIS B 380 5.85 3.70 -29.78
CA HIS B 380 5.21 3.88 -31.07
CA HIS B 380 5.30 4.12 -31.11
C HIS B 380 5.98 3.38 -32.30
N PRO B 381 7.35 3.39 -32.31
CA PRO B 381 7.94 2.71 -33.47
C PRO B 381 7.56 1.23 -33.68
N LEU B 382 7.04 0.55 -32.66
CA LEU B 382 6.57 -0.82 -32.88
C LEU B 382 5.47 -0.91 -33.94
N LEU B 383 4.70 0.16 -34.12
CA LEU B 383 3.53 0.11 -35.03
C LEU B 383 4.01 0.01 -36.48
N PRO B 384 3.33 -0.83 -37.30
CA PRO B 384 3.59 -1.04 -38.74
C PRO B 384 2.99 0.07 -39.59
N ASP B 385 3.22 0.07 -40.91
CA ASP B 385 2.64 1.15 -41.71
C ASP B 385 1.19 0.89 -42.04
N THR B 386 0.83 -0.39 -42.12
CA THR B 386 -0.53 -0.84 -42.38
C THR B 386 -0.80 -2.10 -41.49
N PHE B 387 -2.07 -2.44 -41.23
CA PHE B 387 -2.45 -3.59 -40.43
C PHE B 387 -2.94 -4.65 -41.39
N ASN B 388 -2.21 -5.77 -41.42
CA ASN B 388 -2.43 -6.71 -42.51
C ASN B 388 -3.19 -7.94 -41.96
N ILE B 389 -4.48 -8.04 -42.31
CA ILE B 389 -5.33 -9.15 -41.88
C ILE B 389 -5.81 -9.85 -43.15
N GLU B 390 -5.43 -11.12 -43.23
CA GLU B 390 -5.80 -11.98 -44.33
C GLU B 390 -5.26 -11.39 -45.64
N ASP B 391 -6.13 -11.02 -46.58
CA ASP B 391 -5.63 -10.41 -47.81
C ASP B 391 -5.61 -8.88 -47.78
N GLN B 392 -6.06 -8.27 -46.70
CA GLN B 392 -6.19 -6.84 -46.63
C GLN B 392 -4.99 -6.14 -45.95
N GLU B 393 -4.74 -4.90 -46.36
CA GLU B 393 -3.75 -4.04 -45.69
C GLU B 393 -4.41 -2.75 -45.31
N TYR B 394 -4.81 -2.64 -44.06
CA TYR B 394 -5.54 -1.45 -43.59
C TYR B 394 -4.63 -0.27 -43.21
N SER B 395 -4.98 0.94 -43.64
CA SER B 395 -4.24 2.11 -43.21
C SER B 395 -4.62 2.37 -41.77
N PHE B 396 -3.84 3.18 -41.06
CA PHE B 396 -4.25 3.70 -39.79
C PHE B 396 -5.66 4.26 -39.79
N LYS B 397 -5.97 5.07 -40.80
CA LYS B 397 -7.30 5.64 -40.86
C LYS B 397 -8.42 4.58 -41.03
N GLN B 398 -8.20 3.53 -41.80
CA GLN B 398 -9.22 2.49 -41.90
C GLN B 398 -9.28 1.63 -40.64
N PHE B 399 -8.16 1.44 -39.93
CA PHE B 399 -8.11 0.52 -38.76
C PHE B 399 -8.72 1.15 -37.52
N LEU B 400 -8.38 2.42 -37.31
CA LEU B 400 -8.78 3.14 -36.09
C LEU B 400 -10.29 3.12 -35.86
N TYR B 401 -10.72 2.72 -34.66
CA TYR B 401 -12.15 2.80 -34.35
C TYR B 401 -13.04 1.77 -35.03
N ASN B 402 -12.45 0.93 -35.85
CA ASN B 402 -13.23 0.13 -36.78
C ASN B 402 -13.33 -1.33 -36.34
N ASN B 403 -14.28 -1.64 -35.47
CA ASN B 403 -14.42 -3.02 -35.00
C ASN B 403 -15.20 -3.91 -35.92
N SER B 404 -15.73 -3.34 -37.00
CA SER B 404 -16.25 -4.13 -38.12
C SER B 404 -15.21 -5.07 -38.69
N ILE B 405 -13.95 -4.62 -38.71
CA ILE B 405 -12.84 -5.40 -39.25
C ILE B 405 -12.70 -6.66 -38.41
N LEU B 406 -12.85 -6.53 -37.09
CA LEU B 406 -12.81 -7.69 -36.14
C LEU B 406 -13.94 -8.71 -36.46
N LEU B 407 -15.16 -8.21 -36.62
CA LEU B 407 -16.32 -9.08 -36.87
C LEU B 407 -16.21 -9.72 -38.25
N GLU B 408 -15.72 -8.94 -39.21
CA GLU B 408 -15.63 -9.42 -40.59
C GLU B 408 -14.68 -10.62 -40.71
N HIS B 409 -13.46 -10.45 -40.24
CA HIS B 409 -12.44 -11.46 -40.34
C HIS B 409 -12.55 -12.53 -39.25
N GLY B 410 -12.84 -12.11 -38.03
CA GLY B 410 -13.04 -13.06 -36.92
C GLY B 410 -11.74 -13.17 -36.11
N LEU B 411 -11.83 -13.69 -34.90
CA LEU B 411 -10.61 -13.83 -34.07
C LEU B 411 -9.61 -14.80 -34.60
N THR B 412 -10.02 -15.88 -35.24
CA THR B 412 -8.98 -16.85 -35.65
C THR B 412 -8.04 -16.22 -36.68
N GLN B 413 -8.62 -15.54 -37.66
CA GLN B 413 -7.90 -14.83 -38.73
C GLN B 413 -7.05 -13.69 -38.13
N PHE B 414 -7.60 -12.94 -37.22
CA PHE B 414 -6.82 -11.92 -36.53
C PHE B 414 -5.57 -12.53 -35.90
N VAL B 415 -5.73 -13.59 -35.09
CA VAL B 415 -4.54 -14.26 -34.48
C VAL B 415 -3.54 -14.71 -35.53
N GLU B 416 -4.03 -15.42 -36.54
CA GLU B 416 -3.12 -15.95 -37.56
C GLU B 416 -2.40 -14.83 -38.35
N SER B 417 -3.11 -13.72 -38.65
CA SER B 417 -2.52 -12.59 -39.36
C SER B 417 -1.54 -11.84 -38.49
N PHE B 418 -1.93 -11.47 -37.28
CA PHE B 418 -1.04 -10.79 -36.38
C PHE B 418 0.18 -11.57 -35.92
N THR B 419 0.03 -12.88 -35.76
CA THR B 419 1.17 -13.74 -35.45
C THR B 419 2.20 -13.65 -36.59
N ARG B 420 1.76 -13.50 -37.84
CA ARG B 420 2.72 -13.48 -38.95
C ARG B 420 3.30 -12.07 -39.19
N GLN B 421 2.61 -10.99 -38.82
CA GLN B 421 3.07 -9.63 -39.22
C GLN B 421 4.16 -9.05 -38.27
N ILE B 422 5.32 -8.66 -38.81
CA ILE B 422 6.42 -8.10 -38.00
C ILE B 422 6.15 -6.68 -37.55
N ALA B 423 6.58 -6.38 -36.31
CA ALA B 423 6.50 -5.01 -35.75
C ALA B 423 7.78 -4.24 -36.05
N GLY B 424 7.83 -2.96 -35.68
CA GLY B 424 8.98 -2.10 -35.91
C GLY B 424 10.02 -2.15 -34.79
N ARG B 425 11.26 -1.88 -35.19
CA ARG B 425 12.31 -1.70 -34.24
C ARG B 425 12.09 -0.39 -33.44
N VAL B 426 12.35 -0.42 -32.13
CA VAL B 426 12.06 0.74 -31.23
C VAL B 426 13.25 1.66 -31.03
N ALA B 427 14.40 1.11 -30.69
CA ALA B 427 15.66 1.85 -30.69
C ALA B 427 16.23 1.97 -32.10
N GLY B 428 17.30 2.77 -32.27
CA GLY B 428 17.99 2.86 -33.55
C GLY B 428 17.56 4.07 -34.34
N GLY B 429 16.53 4.80 -33.89
CA GLY B 429 16.12 6.02 -34.59
C GLY B 429 15.22 5.90 -35.81
N ARG B 430 14.60 7.03 -36.16
CA ARG B 430 13.78 7.19 -37.36
C ARG B 430 12.83 6.05 -37.64
N ASN B 431 12.02 5.70 -36.67
CA ASN B 431 11.09 4.65 -36.95
C ASN B 431 9.71 4.86 -36.36
N VAL B 432 9.37 6.11 -36.05
CA VAL B 432 8.04 6.45 -35.57
C VAL B 432 7.10 6.65 -36.77
N PRO B 433 6.01 5.83 -36.91
CA PRO B 433 5.13 6.08 -38.11
C PRO B 433 4.62 7.52 -38.10
N ILE B 434 4.50 8.10 -39.27
CA ILE B 434 4.05 9.46 -39.44
C ILE B 434 2.63 9.64 -38.99
N ALA B 435 1.84 8.57 -39.12
CA ALA B 435 0.43 8.58 -38.67
C ALA B 435 0.31 8.97 -37.18
N VAL B 436 1.34 8.76 -36.37
CA VAL B 436 1.28 9.13 -34.95
C VAL B 436 2.28 10.18 -34.56
N GLN B 437 2.70 11.01 -35.53
CA GLN B 437 3.66 12.01 -35.23
C GLN B 437 3.19 12.96 -34.07
N ALA B 438 1.87 13.24 -33.94
CA ALA B 438 1.40 14.19 -32.91
C ALA B 438 1.53 13.54 -31.53
N VAL B 439 1.39 12.21 -31.49
CA VAL B 439 1.54 11.49 -30.26
C VAL B 439 3.02 11.51 -29.83
N ALA B 440 3.92 11.20 -30.77
CA ALA B 440 5.36 11.24 -30.47
C ALA B 440 5.75 12.68 -29.96
N LYS B 441 5.22 13.71 -30.62
CA LYS B 441 5.59 15.09 -30.23
C LYS B 441 5.10 15.43 -28.78
N ALA B 442 3.84 15.06 -28.51
CA ALA B 442 3.29 15.08 -27.15
C ALA B 442 4.15 14.39 -26.10
N SER B 443 4.78 13.26 -26.38
CA SER B 443 5.61 12.64 -25.35
C SER B 443 6.80 13.50 -24.97
N ILE B 444 7.38 14.15 -25.96
CA ILE B 444 8.46 15.08 -25.72
C ILE B 444 7.94 16.27 -24.91
N ASP B 445 6.90 16.96 -25.43
CA ASP B 445 6.30 18.15 -24.79
C ASP B 445 5.88 17.82 -23.36
N GLN B 446 5.23 16.70 -23.14
CA GLN B 446 4.74 16.41 -21.81
C GLN B 446 5.87 16.07 -20.84
N SER B 447 6.89 15.34 -21.30
CA SER B 447 8.13 15.19 -20.51
C SER B 447 8.67 16.51 -20.00
N ARG B 448 8.69 17.54 -20.87
CA ARG B 448 9.17 18.84 -20.47
C ARG B 448 8.18 19.56 -19.55
N GLU B 449 6.87 19.46 -19.84
CA GLU B 449 5.88 20.02 -18.92
C GLU B 449 6.07 19.42 -17.51
N MET B 450 6.41 18.13 -17.44
CA MET B 450 6.60 17.43 -16.16
C MET B 450 8.02 17.68 -15.56
N LYS B 451 8.83 18.45 -16.28
CA LYS B 451 10.15 18.84 -15.77
C LYS B 451 11.03 17.64 -15.49
N TYR B 452 11.07 16.72 -16.45
CA TYR B 452 12.01 15.63 -16.40
C TYR B 452 13.49 16.13 -16.43
N GLN B 453 14.31 15.50 -15.58
CA GLN B 453 15.76 15.65 -15.64
C GLN B 453 16.24 15.00 -16.92
N SER B 454 17.53 15.21 -17.22
CA SER B 454 18.10 14.70 -18.41
C SER B 454 18.32 13.17 -18.48
N LEU B 455 18.44 12.71 -19.73
CA LEU B 455 18.92 11.38 -20.03
C LEU B 455 20.07 10.91 -19.16
N ASN B 456 21.18 11.65 -19.14
CA ASN B 456 22.28 11.28 -18.27
C ASN B 456 21.96 11.23 -16.75
N GLU B 457 21.15 12.15 -16.24
CA GLU B 457 20.72 11.99 -14.84
C GLU B 457 19.96 10.66 -14.65
N TYR B 458 19.11 10.31 -15.61
CA TYR B 458 18.36 9.05 -15.50
C TYR B 458 19.29 7.82 -15.60
N ARG B 459 20.27 7.89 -16.50
CA ARG B 459 21.28 6.80 -16.58
C ARG B 459 22.06 6.60 -15.27
N LYS B 460 22.56 7.69 -14.68
CA LYS B 460 23.17 7.63 -13.34
C LYS B 460 22.19 7.14 -12.30
N ARG B 461 20.94 7.57 -12.34
CA ARG B 461 19.96 7.08 -11.33
C ARG B 461 19.87 5.53 -11.38
N PHE B 462 20.19 4.94 -12.53
CA PHE B 462 20.00 3.50 -12.71
C PHE B 462 21.32 2.76 -12.82
N SER B 463 22.39 3.34 -12.27
CA SER B 463 23.70 2.72 -12.19
C SER B 463 24.36 2.55 -13.57
N LEU B 464 24.16 3.50 -14.49
CA LEU B 464 24.70 3.42 -15.85
C LEU B 464 25.59 4.59 -15.99
N LYS B 465 26.65 4.43 -16.79
CA LYS B 465 27.63 5.50 -17.03
C LYS B 465 26.95 6.61 -17.84
N PRO B 466 27.12 7.90 -17.47
CA PRO B 466 26.64 8.88 -18.47
C PRO B 466 27.32 8.77 -19.85
N TYR B 467 26.54 9.01 -20.91
CA TYR B 467 27.07 9.13 -22.28
C TYR B 467 27.91 10.39 -22.36
N THR B 468 29.05 10.26 -23.05
CA THR B 468 30.04 11.32 -23.12
C THR B 468 29.91 12.04 -24.46
N SER B 469 29.05 11.55 -25.37
CA SER B 469 28.83 12.26 -26.66
C SER B 469 27.57 11.76 -27.37
N PHE B 470 27.04 12.56 -28.28
CA PHE B 470 25.89 12.10 -29.10
C PHE B 470 26.23 10.83 -29.88
N GLU B 471 27.40 10.80 -30.49
CA GLU B 471 27.87 9.58 -31.19
C GLU B 471 27.90 8.32 -30.33
N GLU B 472 28.23 8.44 -29.06
CA GLU B 472 28.24 7.31 -28.19
C GLU B 472 26.79 6.82 -27.94
N LEU B 473 25.87 7.76 -27.74
CA LEU B 473 24.45 7.41 -27.61
C LEU B 473 23.91 6.64 -28.84
N THR B 474 24.11 7.22 -30.04
CA THR B 474 23.50 6.63 -31.23
C THR B 474 24.30 5.49 -31.85
N GLY B 475 25.62 5.48 -31.63
CA GLY B 475 26.48 4.45 -32.25
C GLY B 475 26.71 4.70 -33.73
N GLU B 476 26.48 5.93 -34.17
CA GLU B 476 26.31 6.21 -35.57
C GLU B 476 26.77 7.68 -35.66
N LYS B 477 26.76 8.32 -36.84
CA LYS B 477 27.28 9.70 -36.99
C LYS B 477 26.27 10.81 -37.35
N GLU B 478 25.27 10.45 -38.14
CA GLU B 478 24.39 11.42 -38.79
C GLU B 478 23.30 11.95 -37.87
N MET B 479 22.65 11.04 -37.13
CA MET B 479 21.64 11.42 -36.13
C MET B 479 22.39 12.10 -34.98
N ALA B 480 23.53 11.56 -34.61
CA ALA B 480 24.36 12.16 -33.58
C ALA B 480 24.67 13.64 -33.88
N ALA B 481 25.12 13.92 -35.10
CA ALA B 481 25.37 15.29 -35.53
C ALA B 481 24.14 16.20 -35.55
N GLU B 482 22.98 15.70 -36.00
CA GLU B 482 21.71 16.44 -35.83
C GLU B 482 21.39 16.79 -34.35
N LEU B 483 21.60 15.86 -33.44
CA LEU B 483 21.31 16.08 -32.01
C LEU B 483 22.31 17.10 -31.37
N LYS B 484 23.57 17.02 -31.77
CA LYS B 484 24.62 17.94 -31.31
C LYS B 484 24.20 19.35 -31.70
N ALA B 485 23.76 19.52 -32.95
CA ALA B 485 23.30 20.82 -33.39
C ALA B 485 22.03 21.24 -32.62
N LEU B 486 21.16 20.27 -32.27
CA LEU B 486 19.93 20.65 -31.59
C LEU B 486 20.10 20.93 -30.11
N TYR B 487 20.94 20.14 -29.43
CA TYR B 487 21.06 20.16 -27.98
C TYR B 487 22.39 20.74 -27.41
N SER B 488 23.43 20.81 -28.23
CA SER B 488 24.82 21.27 -27.86
C SER B 488 25.54 20.33 -26.89
N ASP B 489 24.91 20.05 -25.77
CA ASP B 489 25.57 19.38 -24.69
C ASP B 489 24.82 18.06 -24.43
N ILE B 490 25.54 16.95 -24.55
CA ILE B 490 25.05 15.60 -24.22
C ILE B 490 24.34 15.52 -22.85
N ASP B 491 24.81 16.30 -21.88
CA ASP B 491 24.24 16.28 -20.54
C ASP B 491 22.84 16.92 -20.47
N VAL B 492 22.35 17.51 -21.55
CA VAL B 492 20.97 17.99 -21.53
C VAL B 492 20.11 17.24 -22.53
N MET B 493 20.62 16.16 -23.11
CA MET B 493 19.84 15.34 -24.03
C MET B 493 18.67 14.78 -23.23
N GLU B 494 17.46 14.73 -23.82
CA GLU B 494 16.28 14.33 -23.08
C GLU B 494 16.09 12.81 -23.11
N LEU B 495 15.43 12.26 -22.09
CA LEU B 495 15.26 10.81 -21.94
C LEU B 495 14.47 10.16 -23.08
N TYR B 496 13.29 10.71 -23.37
CA TYR B 496 12.39 9.99 -24.29
C TYR B 496 12.97 9.86 -25.74
N PRO B 497 13.37 11.02 -26.39
CA PRO B 497 13.93 10.87 -27.72
C PRO B 497 15.17 10.02 -27.71
N ALA B 498 15.93 10.03 -26.59
CA ALA B 498 17.15 9.22 -26.53
C ALA B 498 16.85 7.72 -26.58
N LEU B 499 15.80 7.28 -25.89
CA LEU B 499 15.32 5.90 -25.99
C LEU B 499 15.03 5.43 -27.40
N LEU B 500 14.51 6.33 -28.23
CA LEU B 500 14.18 5.96 -29.60
C LEU B 500 15.28 6.07 -30.62
N VAL B 501 16.38 6.81 -30.31
CA VAL B 501 17.54 6.92 -31.21
C VAL B 501 18.73 6.13 -30.72
N GLU B 502 18.61 5.54 -29.52
CA GLU B 502 19.78 4.91 -28.88
C GLU B 502 20.33 3.71 -29.67
N LYS B 503 21.64 3.53 -29.62
CA LYS B 503 22.26 2.38 -30.22
C LYS B 503 21.61 1.12 -29.67
N PRO B 504 20.99 0.29 -30.53
CA PRO B 504 20.39 -0.96 -29.99
C PRO B 504 21.45 -1.98 -29.67
N ARG B 505 21.16 -2.94 -28.78
CA ARG B 505 22.05 -4.09 -28.59
C ARG B 505 22.11 -4.83 -29.91
N PRO B 506 23.15 -5.71 -30.10
CA PRO B 506 23.32 -6.36 -31.42
C PRO B 506 22.07 -7.11 -31.82
N ASP B 507 21.49 -6.74 -32.97
CA ASP B 507 20.26 -7.31 -33.46
C ASP B 507 19.08 -7.22 -32.50
N ALA B 508 19.05 -6.23 -31.62
CA ALA B 508 18.00 -6.17 -30.63
C ALA B 508 17.03 -5.03 -30.90
N ILE B 509 15.84 -5.16 -30.31
CA ILE B 509 14.82 -4.17 -30.40
C ILE B 509 15.13 -2.87 -29.60
N PHE B 510 15.92 -3.00 -28.52
CA PHE B 510 16.18 -1.93 -27.55
C PHE B 510 17.65 -1.66 -27.37
N GLY B 511 17.95 -0.43 -26.92
CA GLY B 511 19.27 -0.09 -26.39
C GLY B 511 19.34 -0.26 -24.87
N GLU B 512 20.52 -0.04 -24.29
CA GLU B 512 20.77 -0.37 -22.91
C GLU B 512 19.89 0.45 -21.95
N THR B 513 19.67 1.73 -22.25
CA THR B 513 18.92 2.58 -21.30
C THR B 513 17.50 2.06 -21.15
N MET B 514 16.87 1.63 -22.27
CA MET B 514 15.48 1.13 -22.21
CA MET B 514 15.50 1.10 -22.24
C MET B 514 15.38 -0.09 -21.29
N VAL B 515 16.31 -1.04 -21.47
CA VAL B 515 16.28 -2.25 -20.71
C VAL B 515 16.54 -1.94 -19.25
N GLU B 516 17.56 -1.15 -18.97
CA GLU B 516 17.99 -0.98 -17.58
C GLU B 516 17.05 -0.13 -16.73
N LEU B 517 16.19 0.65 -17.39
CA LEU B 517 15.19 1.36 -16.61
C LEU B 517 13.94 0.55 -16.57
N GLY B 518 13.60 -0.06 -17.73
CA GLY B 518 12.32 -0.73 -17.96
C GLY B 518 12.22 -1.97 -17.09
N ALA B 519 13.29 -2.75 -17.01
CA ALA B 519 13.23 -4.01 -16.24
C ALA B 519 12.96 -3.87 -14.72
N PRO B 520 13.63 -2.91 -14.00
CA PRO B 520 13.28 -2.77 -12.57
C PRO B 520 11.81 -2.33 -12.42
N PHE B 521 11.34 -1.38 -13.23
CA PHE B 521 9.96 -0.95 -13.04
C PHE B 521 8.98 -2.14 -13.30
N SER B 522 9.32 -2.97 -14.30
CA SER B 522 8.47 -4.07 -14.73
CA SER B 522 8.48 -4.08 -14.73
C SER B 522 8.44 -5.16 -13.66
N LEU B 523 9.62 -5.60 -13.23
CA LEU B 523 9.64 -6.77 -12.33
C LEU B 523 9.02 -6.39 -10.97
N LYS B 524 9.31 -5.17 -10.54
CA LYS B 524 8.72 -4.62 -9.36
C LYS B 524 7.19 -4.69 -9.39
N GLY B 525 6.62 -4.24 -10.50
CA GLY B 525 5.17 -4.18 -10.69
C GLY B 525 4.48 -5.53 -10.82
N LEU B 526 5.23 -6.53 -11.29
CA LEU B 526 4.71 -7.87 -11.45
C LEU B 526 4.77 -8.62 -10.10
N MET B 527 5.93 -8.58 -9.47
CA MET B 527 6.13 -9.29 -8.22
C MET B 527 5.49 -8.56 -7.03
N GLY B 528 5.37 -7.25 -7.14
CA GLY B 528 4.80 -6.42 -6.12
C GLY B 528 3.35 -6.75 -5.83
N ASN B 529 2.64 -7.30 -6.78
CA ASN B 529 1.23 -7.67 -6.61
C ASN B 529 0.97 -8.52 -5.31
N PRO B 530 -0.16 -8.23 -4.58
CA PRO B 530 -0.42 -9.04 -3.37
C PRO B 530 -0.59 -10.53 -3.61
N ILE B 531 -1.02 -10.96 -4.82
CA ILE B 531 -1.15 -12.37 -5.06
C ILE B 531 0.19 -13.16 -4.92
N CYS B 532 1.29 -12.46 -5.08
CA CYS B 532 2.63 -13.02 -4.96
C CYS B 532 3.14 -13.10 -3.54
N SER B 533 2.39 -12.54 -2.59
CA SER B 533 2.77 -12.53 -1.18
C SER B 533 2.50 -13.91 -0.56
N PRO B 534 3.23 -14.29 0.52
CA PRO B 534 3.13 -15.65 1.06
C PRO B 534 1.76 -15.96 1.55
N GLN B 535 1.01 -14.98 2.11
CA GLN B 535 -0.33 -15.33 2.58
C GLN B 535 -1.31 -15.55 1.43
N TYR B 536 -0.97 -15.07 0.24
CA TYR B 536 -1.88 -15.23 -0.88
C TYR B 536 -1.49 -16.35 -1.79
N TRP B 537 -0.19 -16.65 -1.88
CA TRP B 537 0.26 -17.57 -2.90
C TRP B 537 0.12 -19.02 -2.40
N LYS B 538 -1.11 -19.52 -2.39
CA LYS B 538 -1.46 -20.84 -1.81
C LYS B 538 -2.65 -21.30 -2.64
N PRO B 539 -2.84 -22.63 -2.78
CA PRO B 539 -3.89 -23.11 -3.64
C PRO B 539 -5.26 -22.65 -3.24
N SER B 540 -5.55 -22.50 -1.93
CA SER B 540 -6.91 -22.17 -1.49
C SER B 540 -7.35 -20.72 -1.93
N THR B 541 -6.38 -19.84 -2.15
CA THR B 541 -6.65 -18.48 -2.70
C THR B 541 -7.32 -18.55 -4.09
N PHE B 542 -7.02 -19.64 -4.80
CA PHE B 542 -7.45 -19.81 -6.21
C PHE B 542 -8.50 -20.93 -6.36
N GLY B 543 -9.12 -21.33 -5.23
CA GLY B 543 -10.20 -22.33 -5.27
C GLY B 543 -9.66 -23.75 -5.24
N GLY B 544 -8.39 -23.92 -4.91
CA GLY B 544 -7.79 -25.30 -4.77
C GLY B 544 -6.75 -25.57 -5.86
N GLU B 545 -6.29 -26.81 -5.97
CA GLU B 545 -5.14 -27.10 -6.81
C GLU B 545 -5.45 -26.91 -8.30
N VAL B 546 -6.70 -27.14 -8.71
CA VAL B 546 -7.00 -26.99 -10.10
C VAL B 546 -6.86 -25.48 -10.51
N GLY B 547 -7.43 -24.58 -9.70
CA GLY B 547 -7.38 -23.13 -10.02
C GLY B 547 -5.94 -22.66 -10.00
N PHE B 548 -5.16 -23.21 -9.07
CA PHE B 548 -3.77 -22.79 -8.88
C PHE B 548 -2.94 -23.29 -10.12
N LYS B 549 -3.20 -24.52 -10.60
CA LYS B 549 -2.52 -24.99 -11.83
C LYS B 549 -2.82 -24.15 -13.12
N ILE B 550 -4.02 -23.58 -13.22
CA ILE B 550 -4.40 -22.73 -14.33
C ILE B 550 -3.36 -21.58 -14.40
N ILE B 551 -3.08 -20.96 -13.27
CA ILE B 551 -2.05 -19.91 -13.23
C ILE B 551 -0.67 -20.40 -13.64
N ASN B 552 -0.20 -21.49 -12.98
CA ASN B 552 1.17 -21.95 -13.16
C ASN B 552 1.45 -22.63 -14.46
N THR B 553 0.41 -22.88 -15.28
CA THR B 553 0.70 -23.39 -16.63
C THR B 553 0.20 -22.43 -17.72
N ALA B 554 -0.19 -21.20 -17.36
CA ALA B 554 -0.77 -20.34 -18.40
C ALA B 554 0.34 -19.93 -19.40
N SER B 555 -0.05 -19.60 -20.64
CA SER B 555 0.88 -19.12 -21.66
C SER B 555 0.12 -18.35 -22.73
N ILE B 556 0.82 -17.54 -23.53
CA ILE B 556 0.16 -16.86 -24.60
C ILE B 556 -0.48 -17.87 -25.59
N GLN B 557 0.18 -19.00 -25.84
CA GLN B 557 -0.42 -20.01 -26.72
C GLN B 557 -1.73 -20.63 -26.11
N SER B 558 -1.71 -20.89 -24.79
CA SER B 558 -2.83 -21.57 -24.12
C SER B 558 -4.00 -20.59 -24.05
N LEU B 559 -3.70 -19.34 -23.73
CA LEU B 559 -4.72 -18.28 -23.77
C LEU B 559 -5.48 -18.26 -25.12
N ILE B 560 -4.76 -18.30 -26.24
CA ILE B 560 -5.39 -18.30 -27.57
C ILE B 560 -6.03 -19.67 -27.88
N CYS B 561 -5.31 -20.75 -27.53
CA CYS B 561 -5.75 -22.08 -27.80
C CYS B 561 -7.13 -22.29 -27.14
N ASN B 562 -7.25 -21.97 -25.84
CA ASN B 562 -8.50 -22.22 -25.09
C ASN B 562 -9.67 -21.35 -25.51
N ASN B 563 -9.39 -20.20 -26.12
CA ASN B 563 -10.47 -19.21 -26.33
C ASN B 563 -10.75 -18.77 -27.75
N VAL B 564 -10.02 -19.29 -28.72
CA VAL B 564 -10.17 -18.88 -30.14
C VAL B 564 -10.41 -20.07 -30.97
N LYS B 565 -11.52 -20.03 -31.71
CA LYS B 565 -11.94 -21.15 -32.54
C LYS B 565 -10.76 -21.71 -33.37
N GLY B 566 -10.59 -23.05 -33.36
CA GLY B 566 -9.57 -23.70 -34.17
C GLY B 566 -8.20 -23.72 -33.49
N CYS B 567 -8.03 -22.97 -32.42
CA CYS B 567 -6.78 -22.99 -31.63
C CYS B 567 -5.60 -22.72 -32.62
N PRO B 568 -5.58 -21.54 -33.26
CA PRO B 568 -4.44 -21.28 -34.11
C PRO B 568 -3.19 -21.19 -33.27
N PHE B 569 -2.05 -21.46 -33.89
CA PHE B 569 -0.76 -21.30 -33.25
C PHE B 569 -0.38 -19.88 -33.06
N THR B 570 0.34 -19.61 -31.99
CA THR B 570 0.75 -18.22 -31.75
C THR B 570 1.99 -18.14 -30.88
N SER B 571 2.58 -16.95 -30.91
CA SER B 571 3.64 -16.53 -30.00
C SER B 571 3.85 -15.04 -30.22
N PHE B 572 4.91 -14.51 -29.63
CA PHE B 572 5.28 -13.12 -29.78
C PHE B 572 6.34 -12.91 -30.87
N ASN B 573 6.82 -13.96 -31.53
CA ASN B 573 7.74 -13.76 -32.65
C ASN B 573 7.15 -14.28 -33.98
N VAL B 574 7.52 -13.68 -35.11
CA VAL B 574 7.00 -14.05 -36.42
C VAL B 574 7.44 -15.48 -36.87
#